data_9NNR
#
_entry.id   9NNR
#
_cell.length_a   153.209
_cell.length_b   153.209
_cell.length_c   153.209
_cell.angle_alpha   90.000
_cell.angle_beta   90.000
_cell.angle_gamma   90.000
#
_symmetry.space_group_name_H-M   'P 21 3'
#
loop_
_entity.id
_entity.type
_entity.pdbx_description
1 polymer 'Lysine N-acyltransferase MbtK'
2 non-polymer 'ACETYL COENZYME *A'
3 non-polymer GLYCEROL
4 non-polymer 'MAGNESIUM ION'
5 non-polymer 'SULFATE ION'
6 water water
#
_entity_poly.entity_id   1
_entity_poly.type   'polypeptide(L)'
_entity_poly.pdbx_seq_one_letter_code
;MHHHHHHSSGVDLGTENLYFQSNAMAGDVELADRARRRACRLLRRWLAETHTPVEPGPLSLRIGPVRVSAEVAYRSPTGA
HGFGPIRVLDAEGVPVALADPVLLAAACSADSRSRSLPSAPINAPDAGTAVDWVLSSLADDEDDEVPAGMTAEEAVRLLS
RQVDDLPRSPGADPWSLVAGPFAAIGRFGRAGIADECWLLEVLAGRLRAVDDDLSRSWLSSPTLADRAVLVGEGLRYRPD
VRPVPFDVPNPLHEGKSDVPPPPVPVLGGPWSLRPVEVAVHGDGGPDVALVHRWMNTPHVAHHWNQAWPLERWREELAHQ
LGGEHSLPCVVGHEGREVAYLELYRVTRDKLAGCYPYGPHDLGVHIAIGEREVLGRGFGSSLLRAVAGALLDADPRCARV
VAEPNVHNEASVRAFAKAGFVREREIGLPAKNSALMVFSRV
;
_entity_poly.pdbx_strand_id   A,B
#
# COMPACT_ATOMS: atom_id res chain seq x y z
N HIS A 6 -24.43 -9.72 -33.36
CA HIS A 6 -24.07 -8.51 -34.09
C HIS A 6 -22.70 -7.97 -33.62
N HIS A 7 -22.50 -7.89 -32.30
CA HIS A 7 -21.22 -7.50 -31.72
C HIS A 7 -20.61 -8.65 -30.94
N SER A 8 -19.33 -8.93 -31.17
CA SER A 8 -18.65 -10.04 -30.52
C SER A 8 -17.75 -9.62 -29.37
N SER A 9 -17.16 -8.42 -29.44
CA SER A 9 -16.20 -7.97 -28.44
C SER A 9 -16.80 -6.97 -27.49
N GLY A 10 -18.10 -6.70 -27.62
CA GLY A 10 -18.79 -5.80 -26.72
C GLY A 10 -20.23 -6.24 -26.63
N VAL A 11 -21.01 -5.46 -25.90
CA VAL A 11 -22.45 -5.67 -25.82
C VAL A 11 -23.16 -4.80 -26.86
N ASP A 12 -24.22 -5.37 -27.48
CA ASP A 12 -25.11 -4.65 -28.39
C ASP A 12 -25.88 -3.57 -27.63
N LEU A 13 -25.80 -2.30 -28.08
CA LEU A 13 -26.29 -1.18 -27.27
C LEU A 13 -27.72 -0.74 -27.56
N GLY A 14 -28.52 -0.65 -26.49
CA GLY A 14 -29.77 0.07 -26.52
C GLY A 14 -29.75 1.25 -25.56
N THR A 15 -30.75 2.13 -25.70
CA THR A 15 -30.84 3.28 -24.80
C THR A 15 -30.98 2.82 -23.35
N GLU A 16 -31.61 1.67 -23.11
CA GLU A 16 -31.73 1.19 -21.74
C GLU A 16 -30.36 0.91 -21.15
N ASN A 17 -29.44 0.36 -21.95
CA ASN A 17 -28.08 0.09 -21.47
C ASN A 17 -27.32 1.36 -21.14
N LEU A 18 -27.46 2.39 -21.98
CA LEU A 18 -26.86 3.68 -21.65
C LEU A 18 -27.45 4.26 -20.40
N TYR A 19 -28.76 4.09 -20.20
CA TYR A 19 -29.39 4.58 -18.98
C TYR A 19 -28.76 3.95 -17.75
N PHE A 20 -28.63 2.62 -17.75
CA PHE A 20 -28.05 1.91 -16.61
C PHE A 20 -26.64 2.42 -16.29
N GLN A 21 -25.81 2.56 -17.31
CA GLN A 21 -24.44 2.93 -17.05
C GLN A 21 -24.31 4.39 -16.65
N SER A 22 -25.22 5.25 -17.10
CA SER A 22 -25.10 6.66 -16.73
C SER A 22 -25.55 6.91 -15.30
N ASN A 23 -26.53 6.14 -14.81
CA ASN A 23 -26.89 6.29 -13.40
C ASN A 23 -25.79 5.75 -12.49
N ALA A 24 -24.85 4.96 -13.03
CA ALA A 24 -23.66 4.57 -12.29
C ALA A 24 -22.59 5.66 -12.34
N MET A 25 -22.30 6.17 -13.54
CA MET A 25 -21.32 7.23 -13.71
C MET A 25 -21.75 8.54 -13.07
N ALA A 26 -23.02 8.67 -12.68
CA ALA A 26 -23.42 9.84 -11.94
C ALA A 26 -22.66 9.93 -10.62
N GLY A 27 -22.66 8.85 -9.84
CA GLY A 27 -22.05 8.88 -8.53
C GLY A 27 -20.53 8.90 -8.50
N ASP A 28 -19.88 8.63 -9.64
CA ASP A 28 -18.42 8.64 -9.65
C ASP A 28 -17.89 9.99 -9.18
N VAL A 29 -18.58 11.06 -9.52
CA VAL A 29 -18.16 12.39 -9.09
C VAL A 29 -18.01 12.44 -7.58
N GLU A 30 -18.99 11.91 -6.85
CA GLU A 30 -18.88 11.91 -5.40
C GLU A 30 -17.79 10.94 -4.94
N LEU A 31 -17.66 9.80 -5.61
CA LEU A 31 -16.55 8.91 -5.28
C LEU A 31 -15.23 9.63 -5.41
N ALA A 32 -15.15 10.56 -6.37
CA ALA A 32 -13.92 11.33 -6.52
C ALA A 32 -13.67 12.22 -5.30
N ASP A 33 -14.72 12.89 -4.82
CA ASP A 33 -14.58 13.79 -3.67
C ASP A 33 -14.21 13.02 -2.42
N ARG A 34 -14.81 11.85 -2.25
CA ARG A 34 -14.53 11.02 -1.08
C ARG A 34 -13.04 10.64 -1.00
N ALA A 35 -12.42 10.29 -2.11
CA ALA A 35 -10.98 10.04 -2.10
C ALA A 35 -10.22 11.31 -1.73
N ARG A 36 -10.60 12.44 -2.31
CA ARG A 36 -9.96 13.71 -2.00
C ARG A 36 -10.00 13.99 -0.50
N ARG A 37 -11.16 13.75 0.13
CA ARG A 37 -11.27 14.01 1.57
C ARG A 37 -10.38 13.08 2.38
N ARG A 38 -10.31 11.80 2.00
CA ARG A 38 -9.42 10.86 2.68
C ARG A 38 -7.98 11.33 2.58
N ALA A 39 -7.52 11.60 1.36
CA ALA A 39 -6.16 12.03 1.18
C ALA A 39 -5.90 13.32 1.96
N CYS A 40 -6.88 14.20 2.02
CA CYS A 40 -6.73 15.40 2.83
C CYS A 40 -6.61 15.07 4.30
N ARG A 41 -7.40 14.10 4.78
CA ARG A 41 -7.27 13.71 6.17
C ARG A 41 -5.88 13.16 6.47
N LEU A 42 -5.38 12.25 5.63
CA LEU A 42 -4.06 11.66 5.85
C LEU A 42 -2.99 12.74 5.91
N LEU A 43 -3.02 13.68 4.96
CA LEU A 43 -1.99 14.70 4.90
C LEU A 43 -2.02 15.59 6.15
N ARG A 44 -3.21 15.97 6.60
CA ARG A 44 -3.33 16.69 7.86
C ARG A 44 -2.64 15.93 8.98
N ARG A 45 -2.89 14.62 9.06
CA ARG A 45 -2.26 13.81 10.10
C ARG A 45 -0.75 13.75 9.92
N TRP A 46 -0.28 13.52 8.69
CA TRP A 46 1.16 13.47 8.46
C TRP A 46 1.82 14.76 8.93
N LEU A 47 1.24 15.91 8.58
CA LEU A 47 1.83 17.18 8.99
C LEU A 47 1.77 17.34 10.51
N ALA A 48 0.66 16.95 11.13
CA ALA A 48 0.55 17.09 12.59
C ALA A 48 1.57 16.21 13.30
N GLU A 49 1.63 14.93 12.90
CA GLU A 49 2.45 13.98 13.61
C GLU A 49 3.95 14.21 13.38
N THR A 50 4.32 14.88 12.29
CA THR A 50 5.69 15.25 12.02
C THR A 50 6.04 16.67 12.44
N HIS A 51 5.10 17.38 13.07
CA HIS A 51 5.30 18.76 13.51
C HIS A 51 5.89 19.62 12.40
N THR A 52 5.40 19.39 11.19
CA THR A 52 5.82 20.17 10.04
C THR A 52 5.08 21.52 10.02
N PRO A 53 5.78 22.64 10.01
CA PRO A 53 5.10 23.95 9.94
C PRO A 53 4.41 24.13 8.61
N VAL A 54 3.23 24.75 8.65
CA VAL A 54 2.40 24.97 7.49
C VAL A 54 2.03 26.44 7.46
N GLU A 55 2.13 27.07 6.30
CA GLU A 55 1.62 28.41 6.15
C GLU A 55 0.98 28.52 4.77
N PRO A 56 0.17 29.55 4.54
CA PRO A 56 -0.55 29.62 3.26
C PRO A 56 0.40 29.62 2.06
N GLY A 57 -0.18 29.27 0.93
CA GLY A 57 0.59 29.12 -0.29
C GLY A 57 1.13 27.73 -0.49
N PRO A 58 2.12 27.62 -1.36
CA PRO A 58 2.63 26.30 -1.75
C PRO A 58 3.22 25.55 -0.57
N LEU A 59 2.86 24.29 -0.45
CA LEU A 59 3.50 23.35 0.46
C LEU A 59 4.18 22.28 -0.38
N SER A 60 5.45 22.02 -0.12
CA SER A 60 6.24 21.08 -0.93
C SER A 60 6.99 20.15 0.00
N LEU A 61 6.98 18.86 -0.31
CA LEU A 61 7.22 17.91 0.77
C LEU A 61 7.68 16.58 0.21
N ARG A 62 8.78 16.06 0.75
CA ARG A 62 9.25 14.72 0.42
C ARG A 62 8.65 13.76 1.42
N ILE A 63 7.94 12.74 0.95
CA ILE A 63 7.30 11.77 1.81
C ILE A 63 7.65 10.42 1.24
N GLY A 64 8.48 9.68 1.96
CA GLY A 64 9.04 8.45 1.47
C GLY A 64 9.72 8.68 0.15
N PRO A 65 9.27 7.93 -0.86
CA PRO A 65 9.89 7.95 -2.18
C PRO A 65 9.31 8.95 -3.18
N VAL A 66 8.42 9.85 -2.80
CA VAL A 66 7.73 10.70 -3.75
C VAL A 66 7.86 12.15 -3.30
N ARG A 67 8.06 13.06 -4.26
CA ARG A 67 7.88 14.48 -3.99
C ARG A 67 6.39 14.77 -3.97
N VAL A 68 5.91 15.48 -2.95
CA VAL A 68 4.49 15.77 -2.80
C VAL A 68 4.31 17.27 -2.69
N SER A 69 3.26 17.79 -3.34
CA SER A 69 3.04 19.22 -3.41
C SER A 69 1.55 19.55 -3.50
N ALA A 70 1.14 20.59 -2.78
CA ALA A 70 -0.24 21.08 -2.81
C ALA A 70 -0.29 22.54 -2.33
N GLU A 71 -1.32 23.27 -2.77
CA GLU A 71 -1.53 24.63 -2.28
C GLU A 71 -2.28 24.61 -0.94
N VAL A 72 -1.77 25.34 0.04
CA VAL A 72 -2.48 25.48 1.30
C VAL A 72 -3.42 26.65 1.13
N ALA A 73 -4.67 26.35 0.78
CA ALA A 73 -5.64 27.42 0.52
C ALA A 73 -6.14 28.05 1.81
N TYR A 74 -6.28 27.24 2.85
CA TYR A 74 -6.78 27.68 4.15
C TYR A 74 -5.87 27.06 5.20
N ARG A 75 -5.09 27.89 5.92
CA ARG A 75 -4.28 27.42 7.04
C ARG A 75 -5.08 27.46 8.32
N SER A 76 -5.18 26.30 9.01
CA SER A 76 -6.03 26.20 10.18
C SER A 76 -5.21 26.24 11.45
N PRO A 77 -5.64 27.03 12.43
CA PRO A 77 -4.99 27.02 13.75
C PRO A 77 -4.97 25.68 14.45
N THR A 78 -5.95 24.81 14.22
CA THR A 78 -5.95 23.52 14.88
C THR A 78 -5.37 22.42 14.02
N GLY A 79 -4.89 22.75 12.83
CA GLY A 79 -4.31 21.80 11.91
C GLY A 79 -5.22 21.25 10.83
N ALA A 80 -6.47 21.73 10.75
CA ALA A 80 -7.45 21.29 9.75
C ALA A 80 -7.34 22.10 8.45
N HIS A 81 -6.15 22.07 7.86
CA HIS A 81 -5.87 22.88 6.69
C HIS A 81 -6.75 22.45 5.51
N GLY A 82 -7.00 23.39 4.61
CA GLY A 82 -7.76 23.14 3.40
C GLY A 82 -6.83 23.22 2.22
N PHE A 83 -6.83 22.17 1.41
CA PHE A 83 -5.81 21.96 0.37
C PHE A 83 -6.40 22.13 -1.01
N GLY A 84 -5.54 22.53 -1.93
CA GLY A 84 -5.77 22.34 -3.34
C GLY A 84 -5.50 20.90 -3.73
N PRO A 85 -5.50 20.63 -5.03
CA PRO A 85 -5.17 19.28 -5.50
C PRO A 85 -3.80 18.88 -4.96
N ILE A 86 -3.74 17.68 -4.38
CA ILE A 86 -2.48 17.09 -3.91
C ILE A 86 -1.87 16.30 -5.06
N ARG A 87 -0.68 16.71 -5.50
CA ARG A 87 -0.02 16.18 -6.69
C ARG A 87 1.32 15.55 -6.34
N VAL A 88 1.73 14.57 -7.15
CA VAL A 88 3.03 13.91 -7.02
C VAL A 88 3.97 14.45 -8.10
N LEU A 89 5.21 14.75 -7.72
CA LEU A 89 6.20 15.34 -8.62
C LEU A 89 7.39 14.41 -8.84
N ASP A 90 7.94 14.47 -10.06
CA ASP A 90 9.17 13.78 -10.39
C ASP A 90 10.34 14.65 -9.91
N ALA A 91 11.57 14.22 -10.22
CA ALA A 91 12.74 14.87 -9.67
C ALA A 91 12.84 16.33 -10.08
N GLU A 92 12.22 16.71 -11.17
CA GLU A 92 12.37 18.08 -11.64
C GLU A 92 11.05 18.84 -11.68
N GLY A 93 10.09 18.42 -10.86
CA GLY A 93 8.94 19.28 -10.62
C GLY A 93 7.77 19.05 -11.55
N VAL A 94 7.84 18.07 -12.43
CA VAL A 94 6.70 17.78 -13.30
C VAL A 94 5.68 16.94 -12.52
N PRO A 95 4.42 17.35 -12.46
CA PRO A 95 3.41 16.50 -11.85
C PRO A 95 3.24 15.20 -12.63
N VAL A 96 3.20 14.09 -11.90
CA VAL A 96 3.09 12.77 -12.51
C VAL A 96 1.88 12.00 -11.99
N ALA A 97 1.26 12.44 -10.91
CA ALA A 97 0.10 11.72 -10.38
C ALA A 97 -0.67 12.61 -9.41
N LEU A 98 -1.91 12.23 -9.16
CA LEU A 98 -2.69 12.79 -8.06
C LEU A 98 -2.61 11.86 -6.85
N ALA A 99 -2.45 12.45 -5.68
CA ALA A 99 -2.20 11.68 -4.46
C ALA A 99 -3.49 11.07 -3.94
N ASP A 100 -3.80 9.88 -4.43
CA ASP A 100 -4.96 9.17 -3.98
C ASP A 100 -4.74 8.69 -2.55
N PRO A 101 -5.82 8.35 -1.83
CA PRO A 101 -5.65 7.99 -0.42
C PRO A 101 -4.65 6.87 -0.19
N VAL A 102 -4.73 5.80 -0.99
CA VAL A 102 -3.83 4.66 -0.80
C VAL A 102 -2.42 4.98 -1.26
N LEU A 103 -2.27 5.83 -2.27
CA LEU A 103 -0.94 6.29 -2.65
C LEU A 103 -0.25 6.98 -1.47
N LEU A 104 -0.96 7.90 -0.80
CA LEU A 104 -0.42 8.55 0.41
C LEU A 104 -0.14 7.53 1.50
N ALA A 105 -1.12 6.67 1.78
CA ALA A 105 -0.94 5.66 2.81
C ALA A 105 0.33 4.84 2.56
N ALA A 106 0.66 4.62 1.28
CA ALA A 106 1.90 3.92 0.93
C ALA A 106 3.12 4.81 1.14
N ALA A 107 3.04 6.07 0.69
CA ALA A 107 4.20 6.94 0.85
C ALA A 107 4.48 7.17 2.31
N CYS A 108 3.43 7.38 3.10
CA CYS A 108 3.62 7.64 4.52
C CYS A 108 4.13 6.42 5.24
N SER A 109 3.53 5.24 4.95
CA SER A 109 4.01 4.01 5.56
C SER A 109 5.46 3.77 5.20
N ALA A 110 5.83 3.96 3.94
CA ALA A 110 7.23 3.84 3.56
C ALA A 110 8.08 4.82 4.38
N ASP A 111 7.66 6.09 4.43
CA ASP A 111 8.41 7.11 5.16
C ASP A 111 8.48 6.80 6.66
N SER A 112 7.34 6.45 7.26
CA SER A 112 7.32 6.26 8.70
C SER A 112 8.18 5.07 9.11
N ARG A 113 7.98 3.92 8.47
CA ARG A 113 8.73 2.73 8.80
C ARG A 113 10.21 2.99 8.72
N SER A 114 10.60 3.89 7.83
CA SER A 114 11.99 4.27 7.66
C SER A 114 12.46 5.24 8.75
N ARG A 115 11.57 6.15 9.19
CA ARG A 115 11.94 7.11 10.21
C ARG A 115 12.31 6.41 11.52
N SER A 116 11.59 5.34 11.86
CA SER A 116 11.80 4.61 13.11
C SER A 116 12.86 3.53 12.94
N LEU A 117 13.39 3.08 14.08
CA LEU A 117 14.48 2.11 14.08
C LEU A 117 14.01 0.72 13.62
N PRO A 118 14.90 -0.06 12.99
CA PRO A 118 14.47 -1.36 12.44
C PRO A 118 13.89 -2.31 13.47
N SER A 119 14.36 -2.21 14.70
CA SER A 119 13.89 -3.01 15.80
C SER A 119 12.60 -2.49 16.41
N ALA A 120 12.02 -1.43 15.84
CA ALA A 120 10.79 -0.86 16.37
C ALA A 120 9.58 -1.76 16.11
N PRO A 121 8.55 -1.66 16.97
CA PRO A 121 7.31 -2.42 16.72
C PRO A 121 6.64 -2.13 15.38
N ILE A 122 6.72 -0.89 14.90
CA ILE A 122 6.14 -0.53 13.61
C ILE A 122 6.74 -1.36 12.48
N ASN A 123 7.92 -1.95 12.70
CA ASN A 123 8.64 -2.73 11.70
C ASN A 123 8.65 -4.22 12.00
N ALA A 124 7.92 -4.68 13.02
CA ALA A 124 7.83 -6.11 13.27
C ALA A 124 7.18 -6.80 12.07
N PRO A 125 7.48 -8.08 11.81
CA PRO A 125 6.86 -8.75 10.65
C PRO A 125 5.34 -8.82 10.72
N ASP A 126 4.77 -9.03 11.90
CA ASP A 126 3.32 -9.12 12.03
C ASP A 126 2.65 -7.76 12.20
N ALA A 127 3.37 -6.67 11.95
CA ALA A 127 2.89 -5.36 12.40
C ALA A 127 1.81 -4.78 11.50
N GLY A 128 1.79 -5.14 10.21
CA GLY A 128 0.90 -4.49 9.26
C GLY A 128 1.37 -3.09 8.92
N THR A 129 0.65 -2.45 7.99
CA THR A 129 1.06 -1.15 7.51
C THR A 129 -0.17 -0.26 7.40
N ALA A 130 0.07 1.06 7.37
CA ALA A 130 -1.04 1.98 7.24
C ALA A 130 -1.83 1.69 5.98
N VAL A 131 -1.16 1.13 4.97
CA VAL A 131 -1.84 0.70 3.75
C VAL A 131 -2.91 -0.32 4.07
N ASP A 132 -2.61 -1.27 4.93
CA ASP A 132 -3.63 -2.24 5.29
C ASP A 132 -4.78 -1.56 5.97
N TRP A 133 -4.45 -0.61 6.86
CA TRP A 133 -5.48 0.09 7.58
C TRP A 133 -6.39 0.85 6.64
N VAL A 134 -5.80 1.60 5.71
CA VAL A 134 -6.59 2.41 4.79
C VAL A 134 -7.43 1.50 3.89
N LEU A 135 -6.78 0.54 3.24
CA LEU A 135 -7.49 -0.39 2.36
C LEU A 135 -8.67 -1.01 3.09
N SER A 136 -8.47 -1.42 4.34
CA SER A 136 -9.53 -2.07 5.10
C SER A 136 -10.69 -1.12 5.42
N SER A 137 -10.49 0.20 5.39
CA SER A 137 -11.54 1.10 5.82
C SER A 137 -12.34 1.76 4.69
N LEU A 138 -12.09 1.41 3.42
CA LEU A 138 -12.79 2.07 2.32
C LEU A 138 -14.31 1.93 2.43
N ALA A 139 -14.79 0.84 2.99
CA ALA A 139 -16.23 0.65 3.10
C ALA A 139 -16.82 1.35 4.32
N ASP A 140 -15.98 1.94 5.16
CA ASP A 140 -16.48 2.56 6.38
C ASP A 140 -17.49 3.67 6.10
N ASP A 141 -18.24 3.98 7.14
CA ASP A 141 -19.27 5.00 7.14
C ASP A 141 -18.73 6.42 6.98
N GLU A 142 -19.38 7.16 6.09
CA GLU A 142 -18.98 8.50 5.70
C GLU A 142 -19.49 9.49 6.74
N ASP A 143 -18.57 10.15 7.47
CA ASP A 143 -18.96 11.17 8.44
C ASP A 143 -19.67 12.35 7.77
N ASP A 144 -20.69 12.90 8.42
CA ASP A 144 -21.35 14.05 7.81
C ASP A 144 -20.41 15.24 7.81
N GLU A 145 -20.24 15.83 6.64
CA GLU A 145 -19.47 17.04 6.64
C GLU A 145 -20.33 18.18 7.16
N VAL A 146 -19.66 19.23 7.57
CA VAL A 146 -20.33 20.31 8.31
C VAL A 146 -21.28 21.05 7.37
N PRO A 147 -22.54 21.24 7.77
CA PRO A 147 -23.52 21.90 6.88
C PRO A 147 -23.11 23.34 6.62
N ALA A 148 -22.94 23.69 5.35
CA ALA A 148 -22.37 24.99 5.02
C ALA A 148 -23.21 26.12 5.58
N GLY A 149 -24.52 25.96 5.66
CA GLY A 149 -25.30 27.02 6.20
C GLY A 149 -25.32 27.16 7.71
N MET A 150 -24.46 26.45 8.43
CA MET A 150 -24.51 26.54 9.88
C MET A 150 -24.11 27.93 10.35
N THR A 151 -24.76 28.40 11.42
CA THR A 151 -24.50 29.74 11.94
C THR A 151 -23.49 29.65 13.06
N ALA A 152 -22.68 30.70 13.20
CA ALA A 152 -21.70 30.72 14.27
C ALA A 152 -22.38 30.57 15.63
N GLU A 153 -23.55 31.19 15.80
CA GLU A 153 -24.29 30.98 17.03
C GLU A 153 -24.46 29.50 17.27
N GLU A 154 -25.02 28.80 16.29
CA GLU A 154 -25.24 27.38 16.45
C GLU A 154 -23.93 26.64 16.59
N ALA A 155 -22.87 27.10 15.94
CA ALA A 155 -21.56 26.45 16.08
C ALA A 155 -21.11 26.46 17.52
N VAL A 156 -21.23 27.62 18.17
CA VAL A 156 -20.84 27.72 19.57
C VAL A 156 -21.70 26.80 20.41
N ARG A 157 -22.99 26.73 20.10
CA ARG A 157 -23.88 25.86 20.85
C ARG A 157 -23.38 24.43 20.80
N LEU A 158 -23.04 23.94 19.61
CA LEU A 158 -22.48 22.60 19.48
C LEU A 158 -21.19 22.47 20.26
N LEU A 159 -20.33 23.48 20.19
CA LEU A 159 -19.07 23.37 20.88
C LEU A 159 -19.27 23.37 22.39
N SER A 160 -20.08 24.31 22.90
CA SER A 160 -20.33 24.38 24.33
C SER A 160 -20.89 23.07 24.85
N ARG A 161 -21.90 22.54 24.17
CA ARG A 161 -22.43 21.23 24.50
C ARG A 161 -21.32 20.20 24.50
N GLN A 162 -20.45 20.22 23.47
CA GLN A 162 -19.42 19.19 23.38
C GLN A 162 -18.37 19.35 24.49
N VAL A 163 -17.95 20.59 24.75
CA VAL A 163 -16.98 20.87 25.82
C VAL A 163 -17.49 20.33 27.15
N ASP A 164 -18.77 20.61 27.46
CA ASP A 164 -19.34 20.22 28.74
C ASP A 164 -19.45 18.69 28.88
N ASP A 165 -19.42 17.95 27.77
CA ASP A 165 -19.47 16.49 27.77
C ASP A 165 -18.08 15.85 27.82
N LEU A 166 -17.03 16.59 28.18
CA LEU A 166 -15.74 15.95 28.38
C LEU A 166 -15.80 15.18 29.70
N PRO A 167 -15.15 14.02 29.78
CA PRO A 167 -15.32 13.17 30.98
C PRO A 167 -14.98 13.84 32.30
N ARG A 168 -16.03 14.20 33.06
CA ARG A 168 -15.91 14.43 34.49
C ARG A 168 -15.56 13.09 35.11
N SER A 169 -14.26 12.80 35.18
CA SER A 169 -13.76 11.47 35.53
C SER A 169 -12.31 11.63 35.93
N PRO A 170 -11.82 10.84 36.91
CA PRO A 170 -10.42 10.94 37.30
C PRO A 170 -9.49 10.36 36.24
N GLY A 171 -9.75 9.12 35.85
CA GLY A 171 -9.08 8.50 34.73
C GLY A 171 -9.89 8.71 33.46
N ALA A 172 -9.62 9.82 32.80
CA ALA A 172 -10.28 10.22 31.56
C ALA A 172 -9.23 10.54 30.51
N ASP A 173 -9.62 10.48 29.24
CA ASP A 173 -8.63 10.59 28.16
C ASP A 173 -8.16 12.03 27.99
N PRO A 174 -6.85 12.26 27.94
CA PRO A 174 -6.36 13.64 27.76
C PRO A 174 -6.47 14.07 26.30
N TRP A 175 -6.40 13.13 25.36
CA TRP A 175 -6.61 13.47 23.96
C TRP A 175 -8.06 13.77 23.63
N SER A 176 -8.93 13.77 24.64
CA SER A 176 -10.32 14.03 24.38
C SER A 176 -10.52 15.43 23.86
N LEU A 177 -9.73 16.37 24.37
CA LEU A 177 -9.91 17.75 23.97
C LEU A 177 -9.53 17.94 22.50
N VAL A 178 -8.38 17.41 22.12
CA VAL A 178 -7.93 17.53 20.74
C VAL A 178 -8.83 16.72 19.81
N ALA A 179 -9.19 15.50 20.21
CA ALA A 179 -9.95 14.61 19.33
C ALA A 179 -11.44 14.94 19.28
N GLY A 180 -11.97 15.66 20.26
CA GLY A 180 -13.36 16.02 20.26
C GLY A 180 -13.58 17.46 19.83
N PRO A 181 -13.58 18.37 20.80
CA PRO A 181 -13.83 19.79 20.50
C PRO A 181 -12.95 20.41 19.41
N PHE A 182 -11.61 20.26 19.50
CA PHE A 182 -10.73 20.91 18.52
C PHE A 182 -10.99 20.42 17.12
N ALA A 183 -11.28 19.13 16.97
CA ALA A 183 -11.60 18.59 15.67
C ALA A 183 -12.78 19.31 15.08
N ALA A 184 -13.80 19.55 15.89
CA ALA A 184 -14.98 20.25 15.45
C ALA A 184 -14.62 21.67 15.02
N ILE A 185 -13.85 22.36 15.86
CA ILE A 185 -13.45 23.73 15.55
C ILE A 185 -12.80 23.81 14.18
N GLY A 186 -11.91 22.87 13.88
CA GLY A 186 -11.27 22.87 12.58
C GLY A 186 -12.26 22.64 11.47
N ARG A 187 -13.21 21.74 11.67
CA ARG A 187 -14.21 21.51 10.62
C ARG A 187 -15.08 22.74 10.43
N PHE A 188 -15.41 23.45 11.51
CA PHE A 188 -16.15 24.71 11.40
C PHE A 188 -15.35 25.74 10.63
N GLY A 189 -14.07 25.91 10.95
CA GLY A 189 -13.28 26.92 10.26
C GLY A 189 -13.10 26.58 8.79
N ARG A 190 -12.75 25.32 8.51
CA ARG A 190 -12.51 24.86 7.15
C ARG A 190 -13.76 24.97 6.29
N ALA A 191 -14.94 24.85 6.91
CA ALA A 191 -16.23 25.06 6.24
C ALA A 191 -16.53 26.53 6.02
N GLY A 192 -15.73 27.43 6.57
CA GLY A 192 -16.01 28.84 6.50
C GLY A 192 -17.08 29.31 7.45
N ILE A 193 -17.42 28.51 8.46
CA ILE A 193 -18.54 28.89 9.31
C ILE A 193 -18.13 29.91 10.37
N ALA A 194 -16.95 29.76 10.97
CA ALA A 194 -16.52 30.74 11.96
C ALA A 194 -15.00 30.78 12.00
N ASP A 195 -14.47 31.89 12.53
CA ASP A 195 -13.02 32.03 12.75
C ASP A 195 -12.57 31.12 13.88
N GLU A 196 -11.54 30.31 13.63
CA GLU A 196 -11.12 29.33 14.63
C GLU A 196 -10.53 29.98 15.88
N CYS A 197 -9.84 31.11 15.77
CA CYS A 197 -9.33 31.75 16.98
C CYS A 197 -10.47 32.17 17.89
N TRP A 198 -11.52 32.73 17.30
CA TRP A 198 -12.68 33.12 18.07
C TRP A 198 -13.31 31.90 18.74
N LEU A 199 -13.47 30.80 17.99
CA LEU A 199 -14.01 29.56 18.56
C LEU A 199 -13.14 29.02 19.69
N LEU A 200 -11.82 29.09 19.53
CA LEU A 200 -10.91 28.65 20.58
C LEU A 200 -11.05 29.54 21.81
N GLU A 201 -11.15 30.85 21.59
CA GLU A 201 -11.36 31.79 22.69
C GLU A 201 -12.62 31.43 23.45
N VAL A 202 -13.69 31.09 22.73
CA VAL A 202 -14.92 30.66 23.36
C VAL A 202 -14.71 29.40 24.19
N LEU A 203 -13.95 28.43 23.64
CA LEU A 203 -13.71 27.18 24.36
C LEU A 203 -12.90 27.42 25.63
N ALA A 204 -11.93 28.33 25.58
CA ALA A 204 -11.22 28.69 26.80
C ALA A 204 -12.21 29.17 27.86
N GLY A 205 -13.20 29.97 27.46
CA GLY A 205 -14.22 30.40 28.39
C GLY A 205 -15.01 29.24 29.00
N ARG A 206 -15.48 28.31 28.17
CA ARG A 206 -16.19 27.16 28.71
C ARG A 206 -15.32 26.33 29.64
N LEU A 207 -14.00 26.36 29.43
CA LEU A 207 -13.08 25.66 30.33
C LEU A 207 -12.86 26.41 31.63
N ARG A 208 -12.77 27.74 31.59
CA ARG A 208 -12.61 28.52 32.83
C ARG A 208 -13.81 28.40 33.76
N ALA A 209 -15.01 28.14 33.22
CA ALA A 209 -16.19 28.13 34.07
C ALA A 209 -16.16 27.00 35.10
N VAL A 210 -15.46 25.89 34.82
CA VAL A 210 -15.32 24.80 35.78
C VAL A 210 -13.85 24.63 36.14
N ASP A 211 -13.56 24.56 37.44
CA ASP A 211 -12.18 24.51 37.92
C ASP A 211 -11.71 23.08 38.13
N ASP A 212 -12.34 22.13 37.44
CA ASP A 212 -11.89 20.75 37.42
C ASP A 212 -10.40 20.66 37.11
N ASP A 213 -9.75 19.63 37.68
CA ASP A 213 -8.30 19.43 37.50
C ASP A 213 -7.92 19.36 36.04
N LEU A 214 -8.70 18.63 35.26
CA LEU A 214 -8.42 18.49 33.85
C LEU A 214 -8.67 19.80 33.14
N SER A 215 -9.78 20.47 33.45
CA SER A 215 -10.09 21.74 32.82
C SER A 215 -9.00 22.78 33.04
N ARG A 216 -8.46 22.87 34.26
CA ARG A 216 -7.46 23.90 34.53
C ARG A 216 -6.14 23.60 33.83
N SER A 217 -5.71 22.33 33.84
CA SER A 217 -4.46 21.94 33.18
C SER A 217 -4.53 22.18 31.67
N TRP A 218 -5.68 21.87 31.05
CA TRP A 218 -5.89 22.14 29.63
C TRP A 218 -5.70 23.62 29.31
N LEU A 219 -5.97 24.50 30.27
CA LEU A 219 -5.80 25.94 30.08
C LEU A 219 -4.37 26.38 30.33
N SER A 220 -3.59 25.58 31.06
CA SER A 220 -2.29 25.99 31.55
C SER A 220 -1.13 25.23 30.93
N SER A 221 -1.34 23.99 30.47
CA SER A 221 -0.27 23.24 29.87
C SER A 221 0.12 23.86 28.53
N PRO A 222 1.41 23.88 28.18
CA PRO A 222 1.82 24.41 26.88
C PRO A 222 1.65 23.42 25.73
N THR A 223 1.37 22.15 26.03
CA THR A 223 1.09 21.14 25.03
C THR A 223 -0.13 20.35 25.45
N LEU A 224 -0.73 19.64 24.50
CA LEU A 224 -1.87 18.76 24.74
C LEU A 224 -1.61 17.39 24.15
N ALA A 225 -2.30 16.38 24.68
CA ALA A 225 -2.20 15.02 24.14
C ALA A 225 -3.07 14.85 22.90
N ASP A 226 -2.51 14.26 21.86
CA ASP A 226 -3.19 13.87 20.64
C ASP A 226 -2.76 12.45 20.32
N ARG A 227 -3.45 11.79 19.39
CA ARG A 227 -3.13 10.41 19.06
C ARG A 227 -2.64 10.28 17.61
N ALA A 228 -1.49 9.63 17.44
CA ALA A 228 -0.86 9.46 16.14
C ALA A 228 -1.31 8.16 15.49
N VAL A 229 -1.47 8.19 14.15
CA VAL A 229 -1.85 7.00 13.40
C VAL A 229 -0.91 6.71 12.24
N LEU A 230 0.06 7.57 11.98
CA LEU A 230 1.03 7.33 10.92
C LEU A 230 2.48 7.35 11.38
N VAL A 231 2.83 8.19 12.37
CA VAL A 231 4.20 8.34 12.85
C VAL A 231 4.32 7.85 14.30
N GLY A 232 5.19 6.86 14.52
CA GLY A 232 5.45 6.40 15.87
C GLY A 232 5.93 4.96 15.95
N GLU A 233 7.05 4.72 16.64
CA GLU A 233 7.63 3.38 16.73
C GLU A 233 6.64 2.37 17.30
N GLY A 234 5.69 2.80 18.13
CA GLY A 234 4.83 1.83 18.78
C GLY A 234 3.58 1.47 18.03
N LEU A 235 3.42 1.99 16.81
CA LEU A 235 2.21 1.76 16.03
C LEU A 235 2.09 0.33 15.52
N ARG A 236 0.85 -0.16 15.51
CA ARG A 236 0.44 -1.44 14.94
C ARG A 236 -0.82 -1.22 14.13
N TYR A 237 -1.00 -2.02 13.08
CA TYR A 237 -2.19 -1.98 12.26
C TYR A 237 -2.74 -3.39 12.13
N ARG A 238 -2.82 -4.08 13.27
CA ARG A 238 -3.28 -5.50 13.28
C ARG A 238 -4.32 -5.59 12.16
N PRO A 239 -5.58 -5.16 12.33
CA PRO A 239 -6.47 -4.97 11.18
C PRO A 239 -6.55 -3.45 11.04
N ASP A 240 -7.14 -2.80 12.06
CA ASP A 240 -7.23 -1.32 12.12
C ASP A 240 -6.04 -0.80 12.89
N VAL A 241 -5.98 0.51 13.10
CA VAL A 241 -4.83 1.13 13.74
C VAL A 241 -5.00 1.06 15.26
N ARG A 242 -3.90 0.76 15.93
CA ARG A 242 -3.75 0.82 17.37
C ARG A 242 -2.91 2.08 17.62
N PRO A 243 -3.54 3.25 17.69
CA PRO A 243 -2.76 4.49 17.69
C PRO A 243 -1.96 4.66 18.97
N VAL A 244 -0.99 5.58 18.92
CA VAL A 244 -0.03 5.89 20.00
C VAL A 244 -0.08 7.38 20.33
N PRO A 245 0.09 7.79 21.59
CA PRO A 245 -0.07 9.21 21.93
C PRO A 245 1.19 10.01 21.66
N PHE A 246 0.98 11.29 21.35
CA PHE A 246 2.09 12.22 21.15
C PHE A 246 1.62 13.62 21.52
N ASP A 247 2.58 14.53 21.74
CA ASP A 247 2.24 15.89 22.15
C ASP A 247 2.20 16.86 20.97
N VAL A 248 1.19 17.72 20.97
CA VAL A 248 1.04 18.79 19.99
C VAL A 248 0.98 20.10 20.76
N PRO A 249 1.26 21.22 20.09
CA PRO A 249 1.12 22.54 20.76
C PRO A 249 -0.30 22.78 21.27
N ASN A 250 -0.38 23.53 22.39
CA ASN A 250 -1.66 23.94 22.99
C ASN A 250 -1.99 25.35 22.54
N PRO A 251 -3.02 25.53 21.69
CA PRO A 251 -3.33 26.88 21.21
C PRO A 251 -3.88 27.82 22.30
N LEU A 252 -4.44 27.29 23.37
CA LEU A 252 -5.01 28.06 24.48
C LEU A 252 -3.94 28.69 25.38
N HIS A 253 -2.65 28.63 25.02
CA HIS A 253 -1.55 29.02 25.90
C HIS A 253 -0.70 30.13 25.26
N GLU A 254 -0.33 31.14 26.08
CA GLU A 254 0.47 32.32 25.67
C GLU A 254 1.62 31.97 24.73
N GLY A 255 1.81 32.83 23.71
CA GLY A 255 2.77 32.64 22.63
C GLY A 255 4.17 33.20 22.79
N LYS A 256 4.42 34.05 23.79
CA LYS A 256 5.78 34.43 24.16
C LYS A 256 5.78 34.66 25.67
N SER A 257 6.97 34.64 26.26
CA SER A 257 7.10 34.86 27.69
C SER A 257 8.38 35.63 27.95
N ASP A 258 8.59 35.96 29.23
CA ASP A 258 9.73 36.74 29.67
C ASP A 258 10.95 35.89 29.94
N VAL A 259 11.10 34.77 29.25
CA VAL A 259 12.21 33.86 29.53
C VAL A 259 13.44 34.47 28.87
N PRO A 260 14.50 34.70 29.63
CA PRO A 260 15.67 35.36 29.07
C PRO A 260 16.40 34.44 28.12
N PRO A 261 17.37 34.96 27.37
CA PRO A 261 18.11 34.13 26.40
C PRO A 261 18.79 32.95 27.05
N PRO A 262 19.39 32.06 26.27
CA PRO A 262 20.26 31.03 26.82
C PRO A 262 21.43 31.62 27.58
N PRO A 263 21.74 31.13 28.78
CA PRO A 263 22.93 31.62 29.49
C PRO A 263 24.21 31.15 28.83
N VAL A 264 25.31 31.82 29.19
CA VAL A 264 26.62 31.34 28.76
C VAL A 264 27.24 30.56 29.90
N PRO A 265 27.23 29.23 29.85
CA PRO A 265 27.79 28.44 30.94
C PRO A 265 29.31 28.53 30.95
N VAL A 266 29.88 28.09 32.07
CA VAL A 266 31.31 27.92 32.26
C VAL A 266 31.58 26.46 32.60
N LEU A 267 32.33 25.77 31.75
CA LEU A 267 32.51 24.32 31.78
C LEU A 267 33.73 23.96 32.62
N GLY A 268 33.71 22.76 33.20
CA GLY A 268 34.83 22.23 33.94
C GLY A 268 35.83 21.50 33.07
N GLY A 269 36.81 20.88 33.74
CA GLY A 269 37.75 19.98 33.09
C GLY A 269 38.49 20.62 31.93
N PRO A 270 38.76 19.82 30.89
CA PRO A 270 39.59 20.30 29.77
C PRO A 270 38.89 21.30 28.87
N TRP A 271 37.66 21.68 29.18
CA TRP A 271 36.76 22.32 28.24
C TRP A 271 36.77 23.83 28.41
N SER A 272 36.69 24.53 27.27
CA SER A 272 36.49 25.96 27.18
C SER A 272 35.30 26.23 26.26
N LEU A 273 34.55 27.27 26.58
CA LEU A 273 33.36 27.59 25.80
C LEU A 273 33.18 29.09 25.70
N ARG A 274 32.87 29.58 24.49
CA ARG A 274 32.59 30.99 24.32
C ARG A 274 31.65 31.18 23.14
N PRO A 275 30.85 32.23 23.14
CA PRO A 275 29.97 32.49 22.00
C PRO A 275 30.76 32.83 20.75
N VAL A 276 30.18 32.48 19.59
CA VAL A 276 30.79 32.92 18.33
C VAL A 276 30.64 34.43 18.25
N GLU A 277 31.58 35.05 17.54
CA GLU A 277 31.51 36.47 17.23
C GLU A 277 31.49 36.60 15.73
N VAL A 278 30.53 37.35 15.21
CA VAL A 278 30.39 37.64 13.79
C VAL A 278 30.84 39.06 13.58
N ALA A 279 31.89 39.27 12.80
CA ALA A 279 32.33 40.63 12.59
C ALA A 279 31.32 41.31 11.68
N VAL A 280 31.05 42.59 11.94
CA VAL A 280 30.08 43.27 11.08
C VAL A 280 30.76 43.69 9.79
N HIS A 281 32.08 43.68 9.80
CA HIS A 281 32.94 44.16 8.72
C HIS A 281 33.42 42.97 7.90
N GLY A 282 33.16 42.98 6.59
CA GLY A 282 33.78 41.96 5.77
C GLY A 282 32.98 40.70 5.53
N ASP A 283 33.64 39.53 5.50
CA ASP A 283 32.96 38.26 5.32
C ASP A 283 32.54 37.56 6.62
N GLY A 284 32.72 38.17 7.79
CA GLY A 284 32.24 37.63 9.05
C GLY A 284 33.30 37.22 10.07
N GLY A 285 34.54 36.96 9.64
CA GLY A 285 35.62 36.60 10.53
C GLY A 285 35.89 35.10 10.68
N PRO A 286 36.86 34.75 11.52
CA PRO A 286 37.32 33.35 11.57
C PRO A 286 36.35 32.41 12.25
N ASP A 287 35.52 32.89 13.17
CA ASP A 287 34.49 32.03 13.76
C ASP A 287 33.46 31.61 12.70
N VAL A 288 33.00 32.54 11.87
CA VAL A 288 32.08 32.21 10.79
C VAL A 288 32.73 31.20 9.85
N ALA A 289 34.04 31.36 9.60
CA ALA A 289 34.78 30.46 8.71
C ALA A 289 34.89 29.07 9.28
N LEU A 290 35.11 28.98 10.58
CA LEU A 290 35.31 27.69 11.23
C LEU A 290 34.03 26.87 11.18
N VAL A 291 32.91 27.50 11.54
CA VAL A 291 31.62 26.82 11.49
C VAL A 291 31.31 26.40 10.07
N HIS A 292 31.48 27.33 9.13
CA HIS A 292 31.20 27.04 7.73
C HIS A 292 32.03 25.84 7.27
N ARG A 293 33.34 25.87 7.55
CA ARG A 293 34.18 24.73 7.18
C ARG A 293 33.71 23.45 7.87
N TRP A 294 33.49 23.49 9.18
CA TRP A 294 33.02 22.30 9.90
C TRP A 294 31.70 21.79 9.32
N MET A 295 30.73 22.69 9.14
CA MET A 295 29.39 22.28 8.72
C MET A 295 29.37 21.69 7.31
N ASN A 296 30.42 21.91 6.51
CA ASN A 296 30.51 21.36 5.15
C ASN A 296 31.37 20.09 5.06
N THR A 297 32.01 19.67 6.15
CA THR A 297 32.67 18.40 6.11
C THR A 297 31.60 17.30 6.04
N PRO A 298 31.93 16.15 5.46
CA PRO A 298 30.89 15.11 5.27
C PRO A 298 30.35 14.55 6.59
N HIS A 299 31.20 14.22 7.59
CA HIS A 299 30.70 13.54 8.79
C HIS A 299 29.71 14.40 9.58
N VAL A 300 29.87 15.73 9.51
CA VAL A 300 28.90 16.65 10.10
C VAL A 300 27.68 16.83 9.21
N ALA A 301 27.90 17.11 7.92
CA ALA A 301 26.76 17.46 7.07
C ALA A 301 25.79 16.29 6.94
N HIS A 302 26.28 15.05 7.06
CA HIS A 302 25.43 13.86 6.97
C HIS A 302 24.28 13.88 7.98
N HIS A 303 24.46 14.55 9.12
CA HIS A 303 23.44 14.59 10.16
C HIS A 303 22.80 15.97 10.26
N TRP A 304 23.60 17.03 10.27
CA TRP A 304 23.04 18.37 10.39
C TRP A 304 22.35 18.81 9.10
N ASN A 305 22.84 18.37 7.95
CA ASN A 305 22.31 18.81 6.66
C ASN A 305 22.27 20.33 6.60
N GLN A 306 23.38 20.96 6.99
CA GLN A 306 23.49 22.42 6.88
C GLN A 306 24.84 22.78 6.29
N ALA A 307 25.20 22.11 5.19
CA ALA A 307 26.40 22.43 4.41
C ALA A 307 26.14 23.59 3.44
N TRP A 308 26.00 24.78 4.01
CA TRP A 308 25.62 25.98 3.28
C TRP A 308 26.84 26.75 2.82
N PRO A 309 26.66 27.74 1.95
CA PRO A 309 27.74 28.68 1.65
C PRO A 309 28.09 29.55 2.85
N LEU A 310 29.23 30.23 2.72
CA LEU A 310 29.78 30.97 3.84
C LEU A 310 28.84 32.09 4.27
N GLU A 311 28.25 32.81 3.31
CA GLU A 311 27.45 33.95 3.69
C GLU A 311 26.14 33.51 4.35
N ARG A 312 25.61 32.36 3.94
CA ARG A 312 24.40 31.85 4.60
C ARG A 312 24.65 31.52 6.07
N TRP A 313 25.82 30.96 6.38
CA TRP A 313 26.17 30.72 7.77
C TRP A 313 26.47 32.01 8.53
N ARG A 314 27.07 32.99 7.87
CA ARG A 314 27.29 34.26 8.53
C ARG A 314 25.98 34.87 9.02
N GLU A 315 24.97 34.94 8.15
CA GLU A 315 23.68 35.50 8.55
C GLU A 315 22.98 34.67 9.61
N GLU A 316 23.13 33.35 9.57
CA GLU A 316 22.53 32.48 10.57
C GLU A 316 23.09 32.81 11.96
N LEU A 317 24.41 32.85 12.07
CA LEU A 317 25.04 33.09 13.37
C LEU A 317 24.68 34.48 13.88
N ALA A 318 24.77 35.49 13.01
CA ALA A 318 24.34 36.82 13.39
C ALA A 318 22.87 36.79 13.81
N HIS A 319 22.03 36.07 13.05
CA HIS A 319 20.60 35.96 13.38
C HIS A 319 20.38 35.36 14.76
N GLN A 320 21.03 34.23 15.05
CA GLN A 320 20.90 33.63 16.36
C GLN A 320 21.35 34.62 17.45
N LEU A 321 22.55 35.19 17.28
CA LEU A 321 23.14 36.02 18.32
C LEU A 321 22.27 37.23 18.61
N GLY A 322 21.52 37.71 17.64
CA GLY A 322 20.64 38.84 17.86
C GLY A 322 19.34 38.52 18.56
N GLY A 323 19.07 37.26 18.90
CA GLY A 323 17.79 36.87 19.45
C GLY A 323 17.89 36.24 20.83
N GLU A 324 16.73 35.84 21.34
CA GLU A 324 16.59 35.22 22.66
C GLU A 324 16.38 33.72 22.59
N HIS A 325 16.56 33.12 21.42
CA HIS A 325 16.32 31.69 21.22
C HIS A 325 17.58 30.87 21.41
N SER A 326 18.59 31.11 20.58
CA SER A 326 19.71 30.21 20.38
C SER A 326 21.01 30.93 20.66
N LEU A 327 21.95 30.22 21.27
CA LEU A 327 23.28 30.75 21.57
C LEU A 327 24.34 29.87 20.93
N PRO A 328 24.93 30.30 19.82
CA PRO A 328 25.98 29.51 19.15
C PRO A 328 27.34 29.75 19.81
N CYS A 329 28.08 28.66 20.05
CA CYS A 329 29.30 28.67 20.86
C CYS A 329 30.41 27.83 20.22
N VAL A 330 31.66 28.22 20.49
CA VAL A 330 32.84 27.46 20.12
C VAL A 330 33.42 26.82 21.36
N VAL A 331 33.60 25.51 21.31
CA VAL A 331 34.12 24.74 22.43
C VAL A 331 35.55 24.35 22.09
N GLY A 332 36.45 24.49 23.06
CA GLY A 332 37.82 24.08 22.91
C GLY A 332 38.15 22.96 23.87
N HIS A 333 39.08 22.11 23.46
CA HIS A 333 39.56 21.02 24.30
C HIS A 333 41.07 21.17 24.46
N GLU A 334 41.49 21.49 25.69
CA GLU A 334 42.90 21.67 26.01
C GLU A 334 43.56 22.62 25.01
N GLY A 335 42.86 23.69 24.69
CA GLY A 335 43.40 24.73 23.86
C GLY A 335 43.13 24.61 22.39
N ARG A 336 42.69 23.46 21.89
CA ARG A 336 42.36 23.32 20.48
C ARG A 336 40.85 23.40 20.34
N GLU A 337 40.38 24.24 19.41
CA GLU A 337 38.95 24.36 19.13
C GLU A 337 38.48 23.19 18.29
N VAL A 338 37.48 22.48 18.80
CA VAL A 338 37.11 21.17 18.28
C VAL A 338 35.63 20.97 18.06
N ALA A 339 34.74 21.78 18.64
CA ALA A 339 33.33 21.49 18.52
C ALA A 339 32.52 22.78 18.43
N TYR A 340 31.30 22.65 17.94
CA TYR A 340 30.35 23.74 17.88
C TYR A 340 29.09 23.35 18.61
N LEU A 341 28.54 24.28 19.40
CA LEU A 341 27.30 24.02 20.10
C LEU A 341 26.28 25.08 19.76
N GLU A 342 25.02 24.69 19.78
CA GLU A 342 23.90 25.61 19.90
C GLU A 342 23.16 25.27 21.17
N LEU A 343 23.11 26.23 22.09
CA LEU A 343 22.33 26.11 23.31
C LEU A 343 21.09 26.97 23.14
N TYR A 344 19.90 26.41 23.38
CA TYR A 344 18.71 27.14 22.99
C TYR A 344 17.62 26.99 24.02
N ARG A 345 16.74 28.00 24.05
CA ARG A 345 15.55 28.00 24.88
C ARG A 345 14.43 27.21 24.19
N VAL A 346 13.92 26.18 24.86
CA VAL A 346 12.94 25.31 24.22
C VAL A 346 11.69 26.12 23.89
N THR A 347 11.28 27.01 24.80
CA THR A 347 10.04 27.76 24.60
C THR A 347 10.04 28.54 23.29
N ARG A 348 11.21 28.79 22.68
CA ARG A 348 11.32 29.43 21.37
C ARG A 348 11.77 28.47 20.26
N ASP A 349 11.94 27.20 20.57
CA ASP A 349 12.41 26.23 19.61
C ASP A 349 11.24 25.39 19.06
N LYS A 350 11.52 24.67 17.97
CA LYS A 350 10.56 23.71 17.46
C LYS A 350 10.21 22.63 18.50
N LEU A 351 11.13 22.33 19.43
CA LEU A 351 10.87 21.28 20.41
C LEU A 351 9.67 21.58 21.31
N ALA A 352 9.25 22.84 21.40
CA ALA A 352 8.21 23.21 22.35
C ALA A 352 6.85 22.63 21.99
N GLY A 353 6.64 22.23 20.75
CA GLY A 353 5.39 21.61 20.39
C GLY A 353 5.41 20.12 20.52
N CYS A 354 6.51 19.56 21.04
CA CYS A 354 6.72 18.12 21.03
C CYS A 354 6.66 17.46 22.40
N TYR A 355 6.91 18.19 23.48
CA TYR A 355 6.84 17.59 24.81
C TYR A 355 6.42 18.65 25.81
N PRO A 356 5.86 18.25 26.95
CA PRO A 356 5.44 19.26 27.95
C PRO A 356 6.62 19.95 28.61
N TYR A 357 7.15 20.96 27.94
CA TYR A 357 8.34 21.65 28.41
C TYR A 357 8.00 22.56 29.57
N GLY A 358 8.98 22.71 30.49
CA GLY A 358 8.92 23.73 31.49
C GLY A 358 9.51 25.01 30.91
N PRO A 359 9.08 26.17 31.42
CA PRO A 359 9.44 27.42 30.75
C PRO A 359 10.93 27.66 30.57
N HIS A 360 11.79 27.14 31.45
CA HIS A 360 13.22 27.43 31.35
C HIS A 360 14.05 26.35 30.68
N ASP A 361 13.43 25.32 30.13
CA ASP A 361 14.18 24.22 29.54
C ASP A 361 15.20 24.73 28.54
N LEU A 362 16.38 24.15 28.57
CA LEU A 362 17.47 24.43 27.65
C LEU A 362 17.80 23.17 26.88
N GLY A 363 18.17 23.33 25.62
CA GLY A 363 18.56 22.21 24.79
C GLY A 363 19.90 22.46 24.13
N VAL A 364 20.45 21.40 23.52
CA VAL A 364 21.76 21.51 22.88
C VAL A 364 21.80 20.72 21.55
N HIS A 365 22.40 21.35 20.55
CA HIS A 365 22.87 20.71 19.32
C HIS A 365 24.38 20.66 19.40
N ILE A 366 24.98 19.61 18.84
CA ILE A 366 26.42 19.41 18.97
C ILE A 366 27.00 18.87 17.68
N ALA A 367 28.14 19.41 17.29
CA ALA A 367 28.93 18.87 16.19
C ALA A 367 30.41 18.93 16.55
N ILE A 368 31.08 17.78 16.51
CA ILE A 368 32.54 17.71 16.65
C ILE A 368 33.15 17.83 15.25
N GLY A 369 33.75 18.99 14.97
CA GLY A 369 34.27 19.26 13.63
C GLY A 369 35.62 18.66 13.33
N GLU A 370 36.49 18.59 14.31
CA GLU A 370 37.81 17.98 14.14
C GLU A 370 37.75 16.47 14.29
N ARG A 371 36.67 15.85 13.82
CA ARG A 371 36.54 14.40 13.77
C ARG A 371 37.59 13.77 12.88
N GLU A 372 38.27 14.57 12.07
CA GLU A 372 39.48 14.12 11.39
C GLU A 372 40.45 13.52 12.40
N VAL A 373 40.21 13.74 13.71
CA VAL A 373 40.97 13.11 14.79
C VAL A 373 40.12 12.64 15.98
N LEU A 374 38.82 13.01 16.07
CA LEU A 374 38.08 12.81 17.31
C LEU A 374 36.83 11.92 17.15
N GLY A 375 36.57 11.15 18.19
CA GLY A 375 35.47 10.22 18.29
C GLY A 375 35.86 9.31 19.44
N ARG A 376 36.61 9.89 20.38
CA ARG A 376 37.30 9.11 21.40
C ARG A 376 36.85 9.48 22.81
N GLY A 377 35.55 9.50 23.06
CA GLY A 377 35.01 9.90 24.34
C GLY A 377 34.77 11.38 24.49
N PHE A 378 35.08 12.19 23.45
CA PHE A 378 34.95 13.62 23.60
C PHE A 378 33.50 14.03 23.79
N GLY A 379 32.62 13.50 22.95
CA GLY A 379 31.26 14.02 22.91
C GLY A 379 30.54 13.85 24.23
N SER A 380 30.62 12.63 24.79
CA SER A 380 29.91 12.34 26.03
C SER A 380 30.47 13.11 27.20
N SER A 381 31.79 13.28 27.25
CA SER A 381 32.35 14.07 28.34
C SER A 381 31.91 15.52 28.23
N LEU A 382 31.97 16.07 27.02
CA LEU A 382 31.55 17.45 26.80
C LEU A 382 30.07 17.61 27.07
N LEU A 383 29.26 16.70 26.53
CA LEU A 383 27.83 16.79 26.76
C LEU A 383 27.51 16.78 28.23
N ARG A 384 28.20 15.96 29.00
CA ARG A 384 27.95 15.93 30.44
C ARG A 384 28.30 17.27 31.12
N ALA A 385 29.45 17.84 30.77
CA ALA A 385 29.88 19.10 31.35
C ALA A 385 28.88 20.20 31.04
N VAL A 386 28.46 20.28 29.78
CA VAL A 386 27.52 21.29 29.34
C VAL A 386 26.21 21.21 30.14
N ALA A 387 25.69 20.00 30.35
CA ALA A 387 24.42 19.88 31.05
C ALA A 387 24.53 20.38 32.48
N GLY A 388 25.50 19.90 33.24
CA GLY A 388 25.62 20.39 34.59
C GLY A 388 25.93 21.87 34.62
N ALA A 389 26.73 22.34 33.65
CA ALA A 389 27.09 23.74 33.60
C ALA A 389 25.89 24.62 33.29
N LEU A 390 24.99 24.15 32.42
CA LEU A 390 23.76 24.92 32.20
C LEU A 390 22.87 24.92 33.43
N LEU A 391 22.71 23.76 34.07
CA LEU A 391 21.91 23.72 35.28
C LEU A 391 22.50 24.61 36.35
N ASP A 392 23.83 24.79 36.37
CA ASP A 392 24.39 25.75 37.32
C ASP A 392 24.06 27.19 36.92
N ALA A 393 24.18 27.51 35.63
CA ALA A 393 23.98 28.88 35.17
C ALA A 393 22.56 29.38 35.37
N ASP A 394 21.55 28.50 35.31
CA ASP A 394 20.16 28.92 35.40
C ASP A 394 19.38 28.04 36.37
N PRO A 395 19.29 28.45 37.64
CA PRO A 395 18.61 27.60 38.64
C PRO A 395 17.10 27.45 38.43
N ARG A 396 16.49 28.20 37.54
CA ARG A 396 15.09 28.00 37.20
C ARG A 396 14.88 27.03 36.04
N CYS A 397 15.97 26.54 35.43
CA CYS A 397 15.94 25.47 34.42
C CYS A 397 15.82 24.08 35.05
N ALA A 398 14.84 23.29 34.61
CA ALA A 398 14.55 21.97 35.15
C ALA A 398 15.22 20.82 34.39
N ARG A 399 15.57 21.04 33.13
CA ARG A 399 15.98 20.01 32.21
C ARG A 399 16.91 20.61 31.18
N VAL A 400 17.91 19.84 30.75
CA VAL A 400 18.59 20.06 29.48
C VAL A 400 18.20 18.90 28.56
N VAL A 401 17.83 19.22 27.32
CA VAL A 401 17.24 18.26 26.39
C VAL A 401 17.94 18.28 25.03
N ALA A 402 17.74 17.20 24.27
CA ALA A 402 18.29 17.09 22.93
C ALA A 402 17.44 16.16 22.08
N GLU A 403 17.56 16.32 20.76
CA GLU A 403 16.73 15.60 19.79
C GLU A 403 17.57 14.93 18.70
N PRO A 404 18.52 14.06 19.07
CA PRO A 404 19.26 13.33 18.04
C PRO A 404 18.36 12.36 17.28
N ASN A 405 18.65 12.22 15.99
CA ASN A 405 17.93 11.27 15.16
C ASN A 405 18.09 9.84 15.69
N VAL A 406 16.99 9.10 15.83
CA VAL A 406 17.12 7.73 16.35
C VAL A 406 18.15 6.95 15.55
N HIS A 407 18.32 7.29 14.29
CA HIS A 407 19.35 6.62 13.50
C HIS A 407 20.76 7.13 13.79
N ASN A 408 20.91 8.29 14.44
CA ASN A 408 22.22 8.89 14.70
C ASN A 408 22.81 8.24 15.95
N GLU A 409 23.13 6.94 15.80
CA GLU A 409 23.43 6.06 16.94
C GLU A 409 24.63 6.52 17.77
N ALA A 410 25.59 7.23 17.16
CA ALA A 410 26.70 7.77 17.93
C ALA A 410 26.24 8.92 18.83
N SER A 411 25.37 9.78 18.32
CA SER A 411 24.88 10.87 19.13
C SER A 411 24.05 10.35 20.27
N VAL A 412 23.12 9.44 19.99
CA VAL A 412 22.24 8.95 21.05
C VAL A 412 23.06 8.29 22.15
N ARG A 413 23.99 7.41 21.78
CA ARG A 413 24.82 6.78 22.80
C ARG A 413 25.64 7.81 23.57
N ALA A 414 26.20 8.80 22.87
CA ALA A 414 26.99 9.81 23.57
C ALA A 414 26.12 10.57 24.55
N PHE A 415 24.87 10.85 24.17
CA PHE A 415 23.98 11.59 25.07
C PHE A 415 23.68 10.77 26.31
N ALA A 416 23.42 9.47 26.17
CA ALA A 416 23.06 8.66 27.32
C ALA A 416 24.25 8.38 28.22
N LYS A 417 25.44 8.19 27.64
CA LYS A 417 26.66 8.05 28.43
C LYS A 417 26.89 9.28 29.30
N ALA A 418 26.46 10.43 28.82
CA ALA A 418 26.55 11.69 29.55
C ALA A 418 25.44 11.85 30.58
N GLY A 419 24.55 10.89 30.71
CA GLY A 419 23.53 10.95 31.72
C GLY A 419 22.14 11.30 31.26
N PHE A 420 21.93 11.52 29.96
CA PHE A 420 20.57 11.69 29.45
C PHE A 420 19.79 10.37 29.45
N VAL A 421 18.47 10.48 29.62
CA VAL A 421 17.55 9.35 29.58
C VAL A 421 16.68 9.46 28.34
N ARG A 422 16.59 8.37 27.55
CA ARG A 422 15.72 8.35 26.37
C ARG A 422 14.26 8.18 26.80
N GLU A 423 13.51 9.28 26.84
CA GLU A 423 12.13 9.19 27.31
C GLU A 423 11.24 8.56 26.26
N ARG A 424 11.33 9.03 25.03
CA ARG A 424 10.40 8.65 23.98
C ARG A 424 11.02 8.97 22.62
N GLU A 425 10.38 8.45 21.58
CA GLU A 425 10.64 8.88 20.21
C GLU A 425 9.71 10.04 19.88
N ILE A 426 10.19 10.99 19.11
CA ILE A 426 9.31 12.08 18.70
C ILE A 426 9.41 12.21 17.19
N GLY A 427 8.32 12.66 16.57
CA GLY A 427 8.33 12.93 15.14
C GLY A 427 8.62 14.38 14.80
N LEU A 428 9.71 14.61 14.07
CA LEU A 428 10.09 15.96 13.69
C LEU A 428 10.01 16.04 12.17
N PRO A 429 10.07 17.24 11.59
CA PRO A 429 9.81 17.35 10.15
C PRO A 429 10.74 16.51 9.29
N ALA A 430 12.00 16.38 9.65
CA ALA A 430 12.93 15.67 8.77
C ALA A 430 13.37 14.32 9.30
N LYS A 431 13.08 13.99 10.55
CA LYS A 431 13.64 12.82 11.21
C LYS A 431 12.74 12.46 12.38
N ASN A 432 12.87 11.24 12.86
CA ASN A 432 12.33 10.89 14.17
C ASN A 432 13.49 10.91 15.12
N SER A 433 13.25 11.43 16.32
CA SER A 433 14.34 11.69 17.25
C SER A 433 14.05 11.01 18.57
N ALA A 434 15.13 10.60 19.24
CA ALA A 434 15.08 10.19 20.64
C ALA A 434 15.16 11.45 21.49
N LEU A 435 14.10 11.71 22.27
CA LEU A 435 14.07 12.87 23.18
C LEU A 435 14.92 12.51 24.40
N MET A 436 16.18 12.94 24.39
CA MET A 436 17.09 12.71 25.49
C MET A 436 16.92 13.81 26.53
N VAL A 437 16.83 13.45 27.81
CA VAL A 437 16.54 14.40 28.87
C VAL A 437 17.57 14.26 30.00
N PHE A 438 18.24 15.37 30.32
CA PHE A 438 19.11 15.50 31.49
C PHE A 438 18.40 16.39 32.50
N SER A 439 18.01 15.80 33.64
CA SER A 439 17.07 16.39 34.56
C SER A 439 17.77 16.93 35.80
N ARG A 440 17.22 17.99 36.39
CA ARG A 440 17.83 18.58 37.59
C ARG A 440 17.66 17.74 38.84
N VAL A 441 18.71 17.71 39.65
CA VAL A 441 18.79 17.02 40.93
C VAL A 441 18.14 15.68 40.91
N HIS B 6 -3.21 40.71 4.29
CA HIS B 6 -4.60 41.20 4.38
C HIS B 6 -5.52 40.05 4.86
N HIS B 7 -5.25 38.84 4.38
CA HIS B 7 -5.94 37.64 4.81
C HIS B 7 -4.97 36.85 5.67
N SER B 8 -5.43 36.36 6.82
CA SER B 8 -4.51 35.77 7.79
C SER B 8 -4.31 34.30 7.57
N SER B 9 -5.35 33.62 7.10
CA SER B 9 -5.35 32.19 6.90
C SER B 9 -5.27 31.80 5.44
N GLY B 10 -5.07 32.75 4.53
CA GLY B 10 -4.93 32.45 3.12
C GLY B 10 -4.04 33.47 2.45
N VAL B 11 -3.87 33.29 1.12
CA VAL B 11 -3.09 34.22 0.29
C VAL B 11 -4.03 35.24 -0.36
N ASP B 12 -3.58 36.49 -0.39
CA ASP B 12 -4.30 37.54 -1.10
C ASP B 12 -4.24 37.25 -2.61
N LEU B 13 -5.39 37.19 -3.23
CA LEU B 13 -5.52 36.74 -4.61
C LEU B 13 -5.51 37.89 -5.57
N GLY B 14 -4.66 37.79 -6.59
CA GLY B 14 -4.79 38.56 -7.79
C GLY B 14 -4.95 37.62 -8.97
N THR B 15 -5.30 38.22 -10.12
CA THR B 15 -5.49 37.43 -11.35
C THR B 15 -4.24 36.64 -11.71
N GLU B 16 -3.03 37.16 -11.40
CA GLU B 16 -1.81 36.43 -11.72
C GLU B 16 -1.74 35.11 -10.95
N ASN B 17 -2.20 35.11 -9.69
CA ASN B 17 -2.20 33.88 -8.90
C ASN B 17 -3.13 32.84 -9.50
N LEU B 18 -4.30 33.27 -9.93
CA LEU B 18 -5.24 32.35 -10.57
C LEU B 18 -4.68 31.77 -11.84
N TYR B 19 -3.95 32.59 -12.63
CA TYR B 19 -3.34 32.07 -13.85
C TYR B 19 -2.40 30.93 -13.53
N PHE B 20 -1.54 31.13 -12.55
CA PHE B 20 -0.60 30.10 -12.11
C PHE B 20 -1.34 28.82 -11.73
N GLN B 21 -2.43 28.95 -10.99
CA GLN B 21 -3.16 27.78 -10.54
C GLN B 21 -3.92 27.10 -11.68
N SER B 22 -4.27 27.83 -12.74
CA SER B 22 -5.02 27.22 -13.84
C SER B 22 -4.15 26.41 -14.78
N ASN B 23 -2.90 26.81 -15.02
CA ASN B 23 -2.08 25.94 -15.86
C ASN B 23 -1.70 24.65 -15.15
N ALA B 24 -1.89 24.59 -13.82
CA ALA B 24 -1.72 23.36 -13.05
C ALA B 24 -2.94 22.46 -13.15
N MET B 25 -4.13 23.01 -12.93
CA MET B 25 -5.36 22.23 -13.05
C MET B 25 -5.68 21.86 -14.49
N ALA B 26 -5.06 22.53 -15.47
CA ALA B 26 -5.21 22.11 -16.86
C ALA B 26 -4.69 20.69 -17.01
N GLY B 27 -3.48 20.46 -16.50
CA GLY B 27 -2.85 19.16 -16.60
C GLY B 27 -3.43 18.12 -15.67
N ASP B 28 -4.23 18.52 -14.68
CA ASP B 28 -4.82 17.54 -13.77
C ASP B 28 -5.69 16.55 -14.52
N VAL B 29 -6.37 17.01 -15.57
CA VAL B 29 -7.22 16.11 -16.34
C VAL B 29 -6.37 14.98 -16.94
N GLU B 30 -5.18 15.31 -17.44
CA GLU B 30 -4.25 14.31 -17.95
C GLU B 30 -3.71 13.42 -16.84
N LEU B 31 -3.48 13.98 -15.66
CA LEU B 31 -3.12 13.13 -14.53
C LEU B 31 -4.20 12.10 -14.21
N ALA B 32 -5.47 12.43 -14.41
CA ALA B 32 -6.51 11.44 -14.17
C ALA B 32 -6.44 10.29 -15.16
N ASP B 33 -6.25 10.59 -16.44
CA ASP B 33 -6.27 9.56 -17.46
C ASP B 33 -5.08 8.60 -17.28
N ARG B 34 -3.91 9.15 -16.96
CA ARG B 34 -2.73 8.33 -16.73
C ARG B 34 -2.96 7.34 -15.59
N ALA B 35 -3.62 7.77 -14.51
CA ALA B 35 -3.98 6.80 -13.49
C ALA B 35 -4.89 5.75 -14.06
N ARG B 36 -5.90 6.19 -14.82
CA ARG B 36 -6.82 5.23 -15.43
C ARG B 36 -6.09 4.22 -16.30
N ARG B 37 -5.17 4.68 -17.15
CA ARG B 37 -4.43 3.76 -18.03
C ARG B 37 -3.61 2.78 -17.21
N ARG B 38 -3.01 3.26 -16.11
CA ARG B 38 -2.27 2.39 -15.21
C ARG B 38 -3.16 1.34 -14.59
N ALA B 39 -4.28 1.77 -13.99
CA ALA B 39 -5.15 0.82 -13.32
C ALA B 39 -5.69 -0.23 -14.29
N CYS B 40 -6.01 0.18 -15.52
CA CYS B 40 -6.46 -0.79 -16.51
C CYS B 40 -5.34 -1.76 -16.88
N ARG B 41 -4.11 -1.28 -17.03
CA ARG B 41 -2.99 -2.19 -17.30
C ARG B 41 -2.84 -3.21 -16.19
N LEU B 42 -2.91 -2.77 -14.92
CA LEU B 42 -2.80 -3.69 -13.79
C LEU B 42 -3.91 -4.73 -13.80
N LEU B 43 -5.15 -4.30 -14.02
CA LEU B 43 -6.27 -5.24 -14.01
C LEU B 43 -6.13 -6.25 -15.13
N ARG B 44 -5.70 -5.79 -16.32
CA ARG B 44 -5.42 -6.73 -17.41
C ARG B 44 -4.46 -7.84 -16.95
N ARG B 45 -3.35 -7.46 -16.31
CA ARG B 45 -2.41 -8.47 -15.87
C ARG B 45 -3.05 -9.40 -14.84
N TRP B 46 -3.73 -8.81 -13.85
CA TRP B 46 -4.33 -9.63 -12.80
C TRP B 46 -5.24 -10.69 -13.40
N LEU B 47 -6.13 -10.28 -14.30
CA LEU B 47 -7.08 -11.23 -14.88
C LEU B 47 -6.35 -12.30 -15.66
N ALA B 48 -5.33 -11.90 -16.42
CA ALA B 48 -4.57 -12.88 -17.19
C ALA B 48 -3.86 -13.87 -16.28
N GLU B 49 -3.14 -13.37 -15.27
CA GLU B 49 -2.26 -14.21 -14.47
C GLU B 49 -3.02 -15.12 -13.51
N THR B 50 -4.28 -14.80 -13.19
CA THR B 50 -5.18 -15.63 -12.41
C THR B 50 -6.14 -16.46 -13.27
N HIS B 51 -6.02 -16.36 -14.59
CA HIS B 51 -6.90 -17.06 -15.52
C HIS B 51 -8.37 -16.83 -15.19
N THR B 52 -8.71 -15.60 -14.81
CA THR B 52 -10.10 -15.27 -14.52
C THR B 52 -10.87 -15.05 -15.81
N PRO B 53 -11.99 -15.76 -16.02
CA PRO B 53 -12.73 -15.63 -17.29
C PRO B 53 -13.32 -14.25 -17.49
N VAL B 54 -13.26 -13.76 -18.73
CA VAL B 54 -13.69 -12.41 -19.10
C VAL B 54 -14.63 -12.48 -20.30
N GLU B 55 -15.78 -11.82 -20.20
CA GLU B 55 -16.69 -11.64 -21.32
C GLU B 55 -17.25 -10.23 -21.24
N PRO B 56 -17.86 -9.72 -22.31
CA PRO B 56 -18.37 -8.35 -22.30
C PRO B 56 -19.46 -8.14 -21.26
N GLY B 57 -19.66 -6.89 -20.90
CA GLY B 57 -20.56 -6.59 -19.82
C GLY B 57 -19.87 -6.56 -18.46
N PRO B 58 -20.68 -6.64 -17.41
CA PRO B 58 -20.17 -6.50 -16.04
C PRO B 58 -19.20 -7.60 -15.65
N LEU B 59 -18.10 -7.18 -15.04
CA LEU B 59 -17.14 -8.06 -14.39
C LEU B 59 -17.12 -7.73 -12.91
N SER B 60 -17.25 -8.75 -12.08
CA SER B 60 -17.29 -8.58 -10.64
C SER B 60 -16.32 -9.58 -10.03
N LEU B 61 -15.51 -9.12 -9.06
CA LEU B 61 -14.24 -9.78 -8.79
C LEU B 61 -13.74 -9.46 -7.38
N ARG B 62 -13.32 -10.51 -6.66
CA ARG B 62 -12.69 -10.37 -5.35
C ARG B 62 -11.16 -10.29 -5.50
N ILE B 63 -10.55 -9.25 -4.94
CA ILE B 63 -9.10 -9.13 -4.98
C ILE B 63 -8.61 -8.74 -3.60
N GLY B 64 -7.91 -9.65 -2.94
CA GLY B 64 -7.51 -9.42 -1.57
C GLY B 64 -8.69 -8.99 -0.72
N PRO B 65 -8.55 -7.83 -0.10
CA PRO B 65 -9.58 -7.35 0.84
C PRO B 65 -10.72 -6.54 0.23
N VAL B 66 -10.84 -6.43 -1.09
CA VAL B 66 -11.84 -5.55 -1.69
C VAL B 66 -12.61 -6.29 -2.77
N ARG B 67 -13.91 -6.03 -2.83
CA ARG B 67 -14.71 -6.37 -3.99
C ARG B 67 -14.42 -5.32 -5.04
N VAL B 68 -14.21 -5.76 -6.28
CA VAL B 68 -13.85 -4.86 -7.37
C VAL B 68 -14.82 -5.09 -8.51
N SER B 69 -15.23 -4.00 -9.18
CA SER B 69 -16.23 -4.15 -10.23
C SER B 69 -16.04 -3.15 -11.37
N ALA B 70 -16.11 -3.64 -12.61
CA ALA B 70 -16.00 -2.79 -13.79
C ALA B 70 -16.77 -3.36 -14.97
N GLU B 71 -17.19 -2.46 -15.87
CA GLU B 71 -17.82 -2.85 -17.12
C GLU B 71 -16.77 -3.22 -18.16
N VAL B 72 -16.93 -4.38 -18.79
CA VAL B 72 -16.06 -4.80 -19.90
C VAL B 72 -16.66 -4.29 -21.20
N ALA B 73 -16.15 -3.15 -21.66
CA ALA B 73 -16.66 -2.54 -22.88
C ALA B 73 -16.13 -3.24 -24.13
N TYR B 74 -14.89 -3.72 -24.07
CA TYR B 74 -14.24 -4.36 -25.21
C TYR B 74 -13.56 -5.61 -24.71
N ARG B 75 -14.03 -6.77 -25.18
CA ARG B 75 -13.42 -8.04 -24.79
C ARG B 75 -12.34 -8.37 -25.83
N SER B 76 -11.10 -8.53 -25.35
CA SER B 76 -9.95 -8.63 -26.24
C SER B 76 -9.52 -10.08 -26.40
N PRO B 77 -9.27 -10.56 -27.62
CA PRO B 77 -8.71 -11.92 -27.80
C PRO B 77 -7.37 -12.11 -27.13
N THR B 78 -6.54 -11.07 -27.02
CA THR B 78 -5.23 -11.17 -26.39
C THR B 78 -5.23 -10.71 -24.93
N GLY B 79 -6.39 -10.30 -24.40
CA GLY B 79 -6.52 -9.84 -23.03
C GLY B 79 -6.42 -8.35 -22.80
N ALA B 80 -6.25 -7.53 -23.85
CA ALA B 80 -6.17 -6.08 -23.70
C ALA B 80 -7.57 -5.45 -23.61
N HIS B 81 -8.34 -5.89 -22.61
CA HIS B 81 -9.74 -5.49 -22.49
C HIS B 81 -9.89 -4.00 -22.25
N GLY B 82 -11.04 -3.48 -22.66
CA GLY B 82 -11.35 -2.09 -22.48
C GLY B 82 -12.41 -1.94 -21.43
N PHE B 83 -12.10 -1.15 -20.42
CA PHE B 83 -12.92 -1.08 -19.22
C PHE B 83 -13.65 0.24 -19.12
N GLY B 84 -14.80 0.20 -18.46
CA GLY B 84 -15.37 1.36 -17.84
C GLY B 84 -14.63 1.70 -16.56
N PRO B 85 -15.19 2.60 -15.76
CA PRO B 85 -14.61 2.91 -14.46
C PRO B 85 -14.50 1.68 -13.59
N ILE B 86 -13.32 1.46 -13.03
CA ILE B 86 -13.10 0.37 -12.09
C ILE B 86 -13.45 0.86 -10.69
N ARG B 87 -14.43 0.26 -10.07
CA ARG B 87 -14.92 0.73 -8.78
C ARG B 87 -14.75 -0.34 -7.72
N VAL B 88 -14.63 0.13 -6.47
CA VAL B 88 -14.57 -0.74 -5.31
C VAL B 88 -15.94 -0.72 -4.66
N LEU B 89 -16.46 -1.90 -4.32
CA LEU B 89 -17.79 -2.05 -3.77
C LEU B 89 -17.77 -2.65 -2.38
N ASP B 90 -18.70 -2.20 -1.55
CA ASP B 90 -18.87 -2.78 -0.22
C ASP B 90 -19.68 -4.06 -0.31
N ALA B 91 -19.94 -4.64 0.87
CA ALA B 91 -20.48 -5.98 0.95
C ALA B 91 -21.84 -6.13 0.29
N GLU B 92 -22.63 -5.08 0.15
CA GLU B 92 -23.94 -5.25 -0.43
C GLU B 92 -24.09 -4.47 -1.74
N GLY B 93 -22.96 -4.19 -2.40
CA GLY B 93 -22.91 -3.72 -3.76
C GLY B 93 -22.83 -2.22 -3.95
N VAL B 94 -22.77 -1.44 -2.88
CA VAL B 94 -22.63 0.00 -3.04
C VAL B 94 -21.18 0.34 -3.36
N PRO B 95 -20.91 1.12 -4.39
CA PRO B 95 -19.55 1.60 -4.64
C PRO B 95 -19.08 2.56 -3.57
N VAL B 96 -17.82 2.40 -3.17
CA VAL B 96 -17.21 3.23 -2.14
C VAL B 96 -15.96 3.97 -2.62
N ALA B 97 -15.35 3.56 -3.73
CA ALA B 97 -14.15 4.23 -4.20
C ALA B 97 -13.89 3.88 -5.66
N LEU B 98 -13.05 4.69 -6.28
CA LEU B 98 -12.51 4.37 -7.59
C LEU B 98 -11.17 3.66 -7.41
N ALA B 99 -10.95 2.63 -8.20
CA ALA B 99 -9.81 1.75 -7.97
C ALA B 99 -8.58 2.43 -8.54
N ASP B 100 -7.95 3.30 -7.74
CA ASP B 100 -6.77 4.01 -8.22
C ASP B 100 -5.62 3.03 -8.37
N PRO B 101 -4.59 3.38 -9.16
CA PRO B 101 -3.48 2.42 -9.42
C PRO B 101 -2.79 1.87 -8.20
N VAL B 102 -2.49 2.71 -7.20
CA VAL B 102 -1.81 2.18 -6.02
C VAL B 102 -2.77 1.34 -5.17
N LEU B 103 -4.06 1.69 -5.13
CA LEU B 103 -5.06 0.85 -4.46
C LEU B 103 -5.08 -0.56 -5.04
N LEU B 104 -5.05 -0.67 -6.38
CA LEU B 104 -5.05 -1.97 -7.03
C LEU B 104 -3.81 -2.76 -6.68
N ALA B 105 -2.63 -2.15 -6.86
CA ALA B 105 -1.38 -2.86 -6.54
C ALA B 105 -1.36 -3.36 -5.10
N ALA B 106 -2.03 -2.63 -4.18
CA ALA B 106 -2.09 -3.02 -2.79
C ALA B 106 -3.00 -4.23 -2.58
N ALA B 107 -4.18 -4.20 -3.19
CA ALA B 107 -5.10 -5.34 -3.06
C ALA B 107 -4.54 -6.58 -3.74
N CYS B 108 -3.95 -6.39 -4.92
CA CYS B 108 -3.35 -7.50 -5.64
C CYS B 108 -2.13 -8.06 -4.91
N SER B 109 -1.31 -7.17 -4.32
CA SER B 109 -0.18 -7.63 -3.53
C SER B 109 -0.66 -8.47 -2.38
N ALA B 110 -1.64 -7.98 -1.63
CA ALA B 110 -2.20 -8.77 -0.54
C ALA B 110 -2.71 -10.12 -1.06
N ASP B 111 -3.49 -10.11 -2.15
CA ASP B 111 -4.06 -11.36 -2.66
C ASP B 111 -2.95 -12.32 -3.07
N SER B 112 -1.93 -11.82 -3.78
CA SER B 112 -0.90 -12.71 -4.32
C SER B 112 -0.03 -13.31 -3.22
N ARG B 113 0.47 -12.46 -2.32
CA ARG B 113 1.32 -12.92 -1.23
C ARG B 113 0.63 -14.02 -0.42
N SER B 114 -0.68 -13.95 -0.35
CA SER B 114 -1.48 -14.94 0.35
C SER B 114 -1.61 -16.22 -0.45
N ARG B 115 -1.77 -16.09 -1.77
CA ARG B 115 -1.96 -17.26 -2.64
C ARG B 115 -0.74 -18.17 -2.61
N SER B 116 0.45 -17.60 -2.52
CA SER B 116 1.69 -18.35 -2.51
C SER B 116 2.08 -18.76 -1.10
N LEU B 117 2.95 -19.77 -1.04
CA LEU B 117 3.34 -20.39 0.22
C LEU B 117 4.22 -19.43 1.03
N PRO B 118 4.16 -19.53 2.36
CA PRO B 118 4.97 -18.65 3.20
C PRO B 118 6.45 -18.72 2.86
N SER B 119 6.92 -19.87 2.37
CA SER B 119 8.31 -20.03 1.98
C SER B 119 8.61 -19.51 0.59
N ALA B 120 7.63 -18.99 -0.14
CA ALA B 120 7.90 -18.53 -1.49
C ALA B 120 8.73 -17.27 -1.45
N PRO B 121 9.55 -17.04 -2.48
CA PRO B 121 10.31 -15.78 -2.54
C PRO B 121 9.43 -14.53 -2.48
N ILE B 122 8.22 -14.58 -3.02
CA ILE B 122 7.34 -13.41 -2.97
C ILE B 122 7.02 -12.99 -1.54
N ASN B 123 7.15 -13.91 -0.57
CA ASN B 123 6.82 -13.71 0.83
C ASN B 123 8.04 -13.57 1.73
N ALA B 124 9.24 -13.51 1.19
CA ALA B 124 10.40 -13.26 2.01
C ALA B 124 10.29 -11.88 2.67
N PRO B 125 10.92 -11.68 3.84
CA PRO B 125 10.87 -10.34 4.45
C PRO B 125 11.50 -9.29 3.56
N ASP B 126 12.52 -9.66 2.80
CA ASP B 126 13.29 -8.77 1.94
C ASP B 126 12.75 -8.62 0.51
N ALA B 127 11.56 -9.15 0.21
CA ALA B 127 11.22 -9.31 -1.20
C ALA B 127 10.71 -8.03 -1.84
N GLY B 128 10.16 -7.11 -1.05
CA GLY B 128 9.49 -5.96 -1.61
C GLY B 128 8.15 -6.33 -2.23
N THR B 129 7.36 -5.35 -2.63
CA THR B 129 6.00 -5.60 -3.02
C THR B 129 5.65 -4.80 -4.25
N ALA B 130 4.58 -5.23 -4.92
CA ALA B 130 4.12 -4.51 -6.10
C ALA B 130 3.81 -3.05 -5.79
N VAL B 131 3.43 -2.74 -4.53
CA VAL B 131 3.26 -1.35 -4.10
C VAL B 131 4.56 -0.57 -4.30
N ASP B 132 5.69 -1.18 -3.94
CA ASP B 132 6.97 -0.53 -4.15
C ASP B 132 7.20 -0.31 -5.63
N TRP B 133 6.88 -1.33 -6.44
CA TRP B 133 7.07 -1.25 -7.88
C TRP B 133 6.22 -0.14 -8.49
N VAL B 134 4.94 -0.07 -8.12
CA VAL B 134 4.06 0.95 -8.70
C VAL B 134 4.51 2.36 -8.31
N LEU B 135 4.71 2.61 -7.01
CA LEU B 135 5.19 3.93 -6.57
C LEU B 135 6.47 4.32 -7.30
N SER B 136 7.43 3.40 -7.39
CA SER B 136 8.72 3.74 -7.99
C SER B 136 8.61 4.07 -9.47
N SER B 137 7.52 3.69 -10.13
CA SER B 137 7.39 3.94 -11.55
C SER B 137 6.45 5.09 -11.88
N LEU B 138 5.93 5.79 -10.86
CA LEU B 138 5.06 6.92 -11.16
C LEU B 138 5.76 7.97 -11.99
N ALA B 139 7.06 8.16 -11.76
CA ALA B 139 7.84 9.20 -12.43
C ALA B 139 8.34 8.78 -13.80
N ASP B 140 8.09 7.56 -14.23
CA ASP B 140 8.54 7.10 -15.53
C ASP B 140 7.89 7.89 -16.66
N ASP B 141 8.60 7.98 -17.79
CA ASP B 141 8.03 8.53 -19.00
C ASP B 141 7.07 7.50 -19.57
N GLU B 142 5.83 7.87 -19.83
CA GLU B 142 4.87 6.84 -20.18
C GLU B 142 4.93 6.54 -21.68
N ASP B 143 4.91 5.25 -22.00
CA ASP B 143 4.93 4.82 -23.40
C ASP B 143 3.75 5.44 -24.15
N ASP B 144 4.02 5.80 -25.39
CA ASP B 144 3.06 6.47 -26.26
C ASP B 144 1.89 5.56 -26.61
N GLU B 145 0.70 6.15 -26.62
CA GLU B 145 -0.49 5.46 -27.08
C GLU B 145 -0.45 5.29 -28.60
N VAL B 146 -1.22 4.32 -29.06
CA VAL B 146 -1.26 3.97 -30.49
C VAL B 146 -1.93 5.11 -31.24
N PRO B 147 -1.37 5.60 -32.35
CA PRO B 147 -1.95 6.79 -32.99
C PRO B 147 -3.36 6.48 -33.46
N ALA B 148 -4.32 7.27 -32.97
CA ALA B 148 -5.72 6.94 -33.21
C ALA B 148 -6.05 6.95 -34.70
N GLY B 149 -5.43 7.83 -35.46
CA GLY B 149 -5.67 7.84 -36.88
C GLY B 149 -4.95 6.81 -37.71
N MET B 150 -4.28 5.83 -37.09
CA MET B 150 -3.50 4.84 -37.85
C MET B 150 -4.39 4.01 -38.77
N THR B 151 -3.81 3.60 -39.90
CA THR B 151 -4.54 2.79 -40.86
C THR B 151 -4.30 1.31 -40.58
N ALA B 152 -5.31 0.50 -40.87
CA ALA B 152 -5.17 -0.93 -40.67
C ALA B 152 -3.98 -1.46 -41.47
N GLU B 153 -3.76 -0.92 -42.67
CA GLU B 153 -2.57 -1.28 -43.44
C GLU B 153 -1.30 -1.07 -42.63
N GLU B 154 -1.15 0.13 -42.06
CA GLU B 154 0.04 0.42 -41.27
C GLU B 154 0.10 -0.48 -40.06
N ALA B 155 -1.06 -0.85 -39.52
CA ALA B 155 -1.06 -1.84 -38.45
C ALA B 155 -0.41 -3.12 -38.93
N VAL B 156 -0.81 -3.62 -40.10
CA VAL B 156 -0.23 -4.85 -40.62
C VAL B 156 1.24 -4.67 -40.94
N ARG B 157 1.59 -3.55 -41.58
CA ARG B 157 2.99 -3.34 -41.92
C ARG B 157 3.86 -3.37 -40.66
N LEU B 158 3.45 -2.64 -39.62
CA LEU B 158 4.21 -2.64 -38.37
C LEU B 158 4.25 -4.03 -37.75
N LEU B 159 3.13 -4.75 -37.78
CA LEU B 159 3.08 -6.08 -37.16
C LEU B 159 3.99 -7.06 -37.88
N SER B 160 3.93 -7.08 -39.22
CA SER B 160 4.77 -7.99 -40.01
C SER B 160 6.24 -7.73 -39.77
N ARG B 161 6.64 -6.46 -39.79
CA ARG B 161 8.01 -6.10 -39.44
C ARG B 161 8.40 -6.63 -38.08
N GLN B 162 7.51 -6.48 -37.10
CA GLN B 162 7.82 -6.93 -35.74
C GLN B 162 7.94 -8.44 -35.67
N VAL B 163 7.00 -9.17 -36.28
CA VAL B 163 7.06 -10.63 -36.31
C VAL B 163 8.40 -11.08 -36.91
N ASP B 164 8.82 -10.47 -38.01
CA ASP B 164 10.01 -10.92 -38.71
C ASP B 164 11.30 -10.67 -37.92
N ASP B 165 11.31 -9.77 -36.93
CA ASP B 165 12.50 -9.48 -36.13
C ASP B 165 12.59 -10.27 -34.82
N LEU B 166 11.76 -11.29 -34.65
CA LEU B 166 11.78 -12.25 -33.55
C LEU B 166 12.86 -13.32 -33.74
N PRO B 167 13.40 -13.88 -32.63
CA PRO B 167 14.39 -14.97 -32.73
C PRO B 167 13.86 -16.18 -33.54
N ASP B 173 13.97 -16.62 -26.69
CA ASP B 173 12.92 -16.59 -25.67
C ASP B 173 11.52 -16.85 -26.22
N PRO B 174 10.76 -17.72 -25.54
CA PRO B 174 9.41 -18.05 -26.00
C PRO B 174 8.32 -17.03 -25.69
N TRP B 175 8.42 -16.30 -24.57
CA TRP B 175 7.43 -15.26 -24.29
C TRP B 175 7.56 -14.04 -25.19
N SER B 176 8.48 -14.10 -26.17
CA SER B 176 8.68 -12.99 -27.09
C SER B 176 7.45 -12.75 -27.95
N LEU B 177 6.71 -13.81 -28.26
CA LEU B 177 5.53 -13.67 -29.10
C LEU B 177 4.41 -12.95 -28.37
N VAL B 178 4.05 -13.40 -27.17
CA VAL B 178 2.92 -12.79 -26.46
C VAL B 178 3.24 -11.35 -26.11
N ALA B 179 4.47 -11.09 -25.67
CA ALA B 179 4.92 -9.79 -25.20
C ALA B 179 5.24 -8.81 -26.33
N GLY B 180 5.50 -9.31 -27.55
CA GLY B 180 5.81 -8.45 -28.65
C GLY B 180 4.61 -8.29 -29.56
N PRO B 181 4.49 -9.17 -30.55
CA PRO B 181 3.36 -9.07 -31.48
C PRO B 181 1.97 -9.03 -30.84
N PHE B 182 1.62 -9.96 -29.94
CA PHE B 182 0.27 -9.97 -29.38
C PHE B 182 -0.02 -8.67 -28.65
N ALA B 183 1.00 -8.12 -27.99
CA ALA B 183 0.82 -6.86 -27.29
C ALA B 183 0.36 -5.78 -28.25
N ALA B 184 1.00 -5.69 -29.42
CA ALA B 184 0.60 -4.73 -30.43
C ALA B 184 -0.80 -5.02 -30.96
N ILE B 185 -1.10 -6.28 -31.27
CA ILE B 185 -2.45 -6.65 -31.68
C ILE B 185 -3.46 -6.19 -30.63
N GLY B 186 -3.12 -6.36 -29.35
CA GLY B 186 -4.03 -5.90 -28.31
C GLY B 186 -4.21 -4.39 -28.33
N ARG B 187 -3.12 -3.65 -28.47
CA ARG B 187 -3.23 -2.19 -28.52
C ARG B 187 -3.87 -1.71 -29.82
N PHE B 188 -3.57 -2.36 -30.94
CA PHE B 188 -4.27 -2.00 -32.16
C PHE B 188 -5.75 -2.23 -32.01
N GLY B 189 -6.11 -3.41 -31.49
CA GLY B 189 -7.51 -3.73 -31.37
C GLY B 189 -8.21 -2.79 -30.42
N ARG B 190 -7.62 -2.56 -29.25
CA ARG B 190 -8.25 -1.72 -28.24
C ARG B 190 -8.41 -0.30 -28.75
N ALA B 191 -7.48 0.16 -29.60
CA ALA B 191 -7.62 1.47 -30.20
C ALA B 191 -8.69 1.51 -31.27
N GLY B 192 -9.22 0.37 -31.70
CA GLY B 192 -10.15 0.37 -32.80
C GLY B 192 -9.48 0.47 -34.14
N ILE B 193 -8.21 0.13 -34.25
CA ILE B 193 -7.58 0.30 -35.54
C ILE B 193 -7.92 -0.86 -36.46
N ALA B 194 -7.90 -2.09 -35.93
CA ALA B 194 -8.22 -3.26 -36.72
C ALA B 194 -8.79 -4.31 -35.79
N ASP B 195 -9.51 -5.27 -36.37
CA ASP B 195 -10.05 -6.39 -35.61
C ASP B 195 -8.90 -7.31 -35.22
N GLU B 196 -8.82 -7.66 -33.93
CA GLU B 196 -7.70 -8.50 -33.49
C GLU B 196 -7.75 -9.87 -34.13
N CYS B 197 -8.95 -10.41 -34.36
CA CYS B 197 -9.03 -11.71 -35.02
C CYS B 197 -8.39 -11.65 -36.40
N TRP B 198 -8.65 -10.57 -37.12
CA TRP B 198 -8.01 -10.41 -38.42
C TRP B 198 -6.49 -10.27 -38.29
N LEU B 199 -6.03 -9.44 -37.35
CA LEU B 199 -4.59 -9.26 -37.13
C LEU B 199 -3.94 -10.56 -36.68
N LEU B 200 -4.61 -11.33 -35.82
CA LEU B 200 -4.04 -12.61 -35.40
C LEU B 200 -3.92 -13.55 -36.59
N GLU B 201 -4.93 -13.57 -37.46
CA GLU B 201 -4.86 -14.39 -38.67
C GLU B 201 -3.70 -13.98 -39.57
N VAL B 202 -3.49 -12.67 -39.74
CA VAL B 202 -2.35 -12.20 -40.52
C VAL B 202 -1.03 -12.67 -39.88
N LEU B 203 -0.95 -12.60 -38.56
CA LEU B 203 0.26 -13.03 -37.85
C LEU B 203 0.53 -14.51 -38.07
N ALA B 204 -0.52 -15.34 -38.07
CA ALA B 204 -0.36 -16.77 -38.30
C ALA B 204 0.31 -17.05 -39.62
N GLY B 205 -0.09 -16.34 -40.67
CA GLY B 205 0.52 -16.52 -41.97
C GLY B 205 2.00 -16.23 -41.96
N ARG B 206 2.39 -15.11 -41.36
CA ARG B 206 3.81 -14.77 -41.29
C ARG B 206 4.59 -15.81 -40.50
N LEU B 207 3.95 -16.54 -39.58
CA LEU B 207 4.63 -17.64 -38.92
C LEU B 207 4.75 -18.88 -39.82
N ARG B 208 3.74 -19.16 -40.65
CA ARG B 208 3.86 -20.29 -41.58
C ARG B 208 5.01 -20.04 -42.55
N ALA B 209 5.28 -18.77 -42.86
CA ALA B 209 6.28 -18.43 -43.85
C ALA B 209 7.68 -18.87 -43.45
N VAL B 210 7.92 -19.08 -42.16
CA VAL B 210 9.20 -19.59 -41.69
C VAL B 210 8.97 -20.95 -41.03
N ASP B 211 9.71 -21.96 -41.49
CA ASP B 211 9.59 -23.29 -40.90
C ASP B 211 10.78 -23.50 -39.99
N ASP B 212 10.67 -22.97 -38.79
CA ASP B 212 11.61 -23.30 -37.74
C ASP B 212 10.80 -23.83 -36.56
N ASP B 213 11.49 -24.61 -35.73
CA ASP B 213 10.82 -25.21 -34.58
C ASP B 213 10.04 -24.18 -33.79
N LEU B 214 10.60 -22.97 -33.69
CA LEU B 214 9.98 -21.93 -32.88
C LEU B 214 8.63 -21.54 -33.45
N SER B 215 8.57 -21.21 -34.75
CA SER B 215 7.31 -20.84 -35.38
C SER B 215 6.31 -21.99 -35.35
N ARG B 216 6.78 -23.21 -35.58
CA ARG B 216 5.87 -24.34 -35.64
C ARG B 216 5.23 -24.60 -34.30
N SER B 217 6.01 -24.50 -33.22
CA SER B 217 5.46 -24.69 -31.90
C SER B 217 4.42 -23.62 -31.58
N TRP B 218 4.71 -22.37 -31.94
CA TRP B 218 3.77 -21.28 -31.69
C TRP B 218 2.45 -21.47 -32.41
N LEU B 219 2.45 -22.16 -33.55
CA LEU B 219 1.21 -22.37 -34.28
C LEU B 219 0.42 -23.58 -33.79
N SER B 220 1.07 -24.51 -33.10
CA SER B 220 0.47 -25.80 -32.78
C SER B 220 0.15 -26.00 -31.30
N SER B 221 0.88 -25.34 -30.40
CA SER B 221 0.66 -25.52 -28.97
C SER B 221 -0.65 -24.86 -28.53
N PRO B 222 -1.38 -25.45 -27.59
CA PRO B 222 -2.62 -24.81 -27.11
C PRO B 222 -2.36 -23.69 -26.13
N THR B 223 -1.14 -23.52 -25.65
CA THR B 223 -0.77 -22.44 -24.76
C THR B 223 0.51 -21.80 -25.25
N LEU B 224 0.74 -20.57 -24.79
CA LEU B 224 1.93 -19.79 -25.05
C LEU B 224 2.52 -19.33 -23.74
N ALA B 225 3.80 -18.96 -23.76
CA ALA B 225 4.47 -18.35 -22.62
C ALA B 225 4.22 -16.85 -22.55
N ASP B 226 3.87 -16.37 -21.35
CA ASP B 226 3.68 -14.96 -21.01
C ASP B 226 4.47 -14.71 -19.74
N ARG B 227 4.69 -13.45 -19.40
CA ARG B 227 5.45 -13.14 -18.19
C ARG B 227 4.56 -12.38 -17.21
N ALA B 228 4.50 -12.91 -15.99
CA ALA B 228 3.64 -12.41 -14.92
C ALA B 228 4.36 -11.42 -14.03
N VAL B 229 3.60 -10.41 -13.56
CA VAL B 229 4.13 -9.34 -12.73
C VAL B 229 3.34 -9.16 -11.43
N LEU B 230 2.27 -9.92 -11.22
CA LEU B 230 1.49 -9.88 -9.99
C LEU B 230 1.36 -11.24 -9.33
N VAL B 231 1.21 -12.32 -10.11
CA VAL B 231 0.96 -13.65 -9.58
C VAL B 231 2.18 -14.52 -9.81
N GLY B 232 2.70 -15.10 -8.72
CA GLY B 232 3.79 -16.04 -8.86
C GLY B 232 4.68 -16.15 -7.66
N GLU B 233 4.94 -17.39 -7.21
CA GLU B 233 5.76 -17.63 -6.01
C GLU B 233 7.13 -16.95 -6.09
N GLY B 234 7.67 -16.79 -7.29
CA GLY B 234 9.00 -16.30 -7.53
C GLY B 234 9.13 -14.82 -7.83
N LEU B 235 8.05 -14.07 -7.71
CA LEU B 235 8.12 -12.67 -8.10
C LEU B 235 9.06 -11.93 -7.15
N ARG B 236 9.84 -10.98 -7.68
CA ARG B 236 10.66 -10.13 -6.84
C ARG B 236 10.49 -8.70 -7.32
N TYR B 237 10.60 -7.75 -6.38
CA TYR B 237 10.42 -6.34 -6.72
C TYR B 237 11.58 -5.49 -6.21
N ARG B 238 12.81 -5.93 -6.48
CA ARG B 238 13.95 -5.06 -6.13
C ARG B 238 13.55 -3.76 -6.76
N PRO B 239 13.01 -2.75 -6.04
CA PRO B 239 12.33 -1.59 -6.64
C PRO B 239 11.60 -2.06 -7.90
N ASP B 240 12.34 -2.43 -8.94
CA ASP B 240 11.78 -2.89 -10.21
C ASP B 240 11.36 -4.36 -10.12
N VAL B 241 10.44 -4.77 -11.03
CA VAL B 241 9.86 -6.11 -10.98
C VAL B 241 10.76 -7.11 -11.72
N ARG B 242 10.94 -8.29 -11.13
CA ARG B 242 11.64 -9.42 -11.76
C ARG B 242 10.64 -10.49 -12.14
N PRO B 243 10.04 -10.40 -13.33
CA PRO B 243 8.86 -11.24 -13.67
C PRO B 243 9.18 -12.72 -13.81
N VAL B 244 8.11 -13.51 -13.78
CA VAL B 244 8.19 -14.96 -13.78
C VAL B 244 7.32 -15.49 -14.92
N PRO B 245 7.69 -16.58 -15.59
CA PRO B 245 6.91 -17.04 -16.74
C PRO B 245 5.71 -17.86 -16.32
N PHE B 246 4.65 -17.81 -17.14
CA PHE B 246 3.45 -18.61 -16.95
C PHE B 246 2.80 -18.84 -18.31
N ASP B 247 1.92 -19.84 -18.42
CA ASP B 247 1.25 -20.15 -19.69
C ASP B 247 -0.11 -19.46 -19.77
N VAL B 248 -0.41 -18.88 -20.93
CA VAL B 248 -1.71 -18.27 -21.23
C VAL B 248 -2.30 -19.05 -22.40
N PRO B 249 -3.62 -18.98 -22.60
CA PRO B 249 -4.22 -19.60 -23.78
C PRO B 249 -3.58 -19.10 -25.06
N ASN B 250 -3.51 -19.95 -26.08
CA ASN B 250 -3.00 -19.56 -27.39
C ASN B 250 -4.13 -19.21 -28.34
N PRO B 251 -4.32 -17.92 -28.72
CA PRO B 251 -5.43 -17.60 -29.62
C PRO B 251 -5.24 -18.16 -31.01
N LEU B 252 -4.00 -18.42 -31.44
CA LEU B 252 -3.77 -18.99 -32.77
C LEU B 252 -4.13 -20.47 -32.85
N HIS B 253 -4.60 -21.06 -31.77
CA HIS B 253 -4.86 -22.50 -31.71
C HIS B 253 -6.32 -22.75 -31.40
N GLU B 254 -6.92 -23.62 -32.20
CA GLU B 254 -8.21 -24.20 -31.95
C GLU B 254 -7.97 -25.68 -32.20
N GLY B 255 -8.45 -26.52 -31.30
CA GLY B 255 -8.18 -27.95 -31.39
C GLY B 255 -9.25 -28.66 -32.20
N LYS B 256 -8.81 -29.62 -33.02
CA LYS B 256 -9.78 -30.50 -33.68
C LYS B 256 -10.74 -31.08 -32.65
N SER B 257 -10.27 -31.32 -31.43
CA SER B 257 -11.11 -31.75 -30.30
C SER B 257 -11.85 -33.04 -30.70
N ASP B 258 -13.18 -33.13 -30.49
CA ASP B 258 -13.96 -34.37 -30.64
C ASP B 258 -13.66 -35.33 -29.49
N VAL B 259 -13.37 -34.76 -28.33
CA VAL B 259 -12.95 -35.56 -27.18
C VAL B 259 -14.20 -36.08 -26.46
N PRO B 260 -14.31 -37.38 -26.22
CA PRO B 260 -15.49 -37.91 -25.55
C PRO B 260 -15.53 -37.49 -24.09
N PRO B 261 -16.62 -37.74 -23.40
CA PRO B 261 -16.70 -37.44 -21.94
C PRO B 261 -15.65 -38.22 -21.17
N PRO B 262 -15.51 -37.96 -19.87
CA PRO B 262 -14.61 -38.76 -19.04
C PRO B 262 -15.04 -40.21 -19.05
N PRO B 263 -14.10 -41.15 -19.19
CA PRO B 263 -14.44 -42.58 -19.09
C PRO B 263 -14.73 -43.01 -17.66
N VAL B 264 -15.29 -44.21 -17.52
CA VAL B 264 -15.46 -44.84 -16.22
C VAL B 264 -14.35 -45.85 -15.95
N PRO B 265 -13.37 -45.51 -15.12
CA PRO B 265 -12.28 -46.46 -14.87
C PRO B 265 -12.77 -47.67 -14.09
N VAL B 266 -11.94 -48.71 -14.10
CA VAL B 266 -12.17 -49.93 -13.33
C VAL B 266 -10.99 -50.17 -12.41
N LEU B 267 -11.23 -50.12 -11.10
CA LEU B 267 -10.11 -50.13 -10.17
C LEU B 267 -9.79 -51.55 -9.75
N GLY B 268 -8.50 -51.78 -9.50
CA GLY B 268 -8.04 -53.06 -9.01
C GLY B 268 -8.08 -53.16 -7.49
N GLY B 269 -7.58 -54.29 -6.98
CA GLY B 269 -7.37 -54.49 -5.57
C GLY B 269 -8.62 -54.34 -4.71
N PRO B 270 -8.47 -53.71 -3.55
CA PRO B 270 -9.59 -53.54 -2.61
C PRO B 270 -10.62 -52.52 -3.05
N TRP B 271 -10.44 -51.90 -4.21
CA TRP B 271 -11.14 -50.69 -4.58
C TRP B 271 -12.33 -50.97 -5.50
N SER B 272 -13.39 -50.20 -5.33
CA SER B 272 -14.52 -50.17 -6.24
C SER B 272 -14.86 -48.72 -6.60
N LEU B 273 -15.31 -48.51 -7.84
CA LEU B 273 -15.68 -47.18 -8.30
C LEU B 273 -16.89 -47.30 -9.22
N ARG B 274 -17.83 -46.37 -9.08
CA ARG B 274 -18.99 -46.31 -9.96
C ARG B 274 -19.48 -44.88 -10.00
N PRO B 275 -20.15 -44.46 -11.08
CA PRO B 275 -20.73 -43.12 -11.12
C PRO B 275 -21.87 -42.95 -10.13
N VAL B 276 -22.04 -41.70 -9.68
CA VAL B 276 -23.18 -41.35 -8.85
C VAL B 276 -24.47 -41.43 -9.67
N GLU B 277 -25.57 -41.61 -8.95
CA GLU B 277 -26.88 -41.69 -9.54
C GLU B 277 -27.74 -40.66 -8.88
N VAL B 278 -28.56 -39.98 -9.65
CA VAL B 278 -29.43 -39.00 -9.06
C VAL B 278 -30.83 -39.38 -9.45
N ALA B 279 -31.64 -39.67 -8.46
CA ALA B 279 -33.01 -40.09 -8.66
C ALA B 279 -33.87 -38.93 -9.03
N VAL B 280 -34.92 -39.19 -9.78
CA VAL B 280 -35.81 -38.14 -10.20
C VAL B 280 -36.91 -37.93 -9.20
N HIS B 281 -37.39 -36.70 -9.18
CA HIS B 281 -38.50 -36.27 -8.33
C HIS B 281 -38.41 -36.27 -6.80
N GLY B 282 -37.63 -37.14 -6.17
CA GLY B 282 -37.54 -37.18 -4.73
C GLY B 282 -36.55 -36.17 -4.17
N ASP B 283 -35.69 -36.62 -3.29
CA ASP B 283 -34.71 -35.69 -2.77
C ASP B 283 -33.37 -35.99 -3.39
N GLY B 284 -33.38 -36.63 -4.55
CA GLY B 284 -32.15 -36.94 -5.23
C GLY B 284 -31.62 -38.32 -4.97
N GLY B 285 -32.25 -39.04 -4.08
CA GLY B 285 -31.77 -40.37 -3.82
C GLY B 285 -30.76 -40.37 -2.73
N PRO B 286 -30.14 -41.52 -2.50
CA PRO B 286 -29.19 -41.73 -1.41
C PRO B 286 -27.78 -41.21 -1.69
N ASP B 287 -27.37 -41.25 -2.96
CA ASP B 287 -26.04 -40.78 -3.31
C ASP B 287 -25.93 -39.27 -3.16
N VAL B 288 -26.94 -38.52 -3.62
CA VAL B 288 -26.93 -37.08 -3.41
C VAL B 288 -26.76 -36.76 -1.93
N ALA B 289 -27.40 -37.56 -1.08
CA ALA B 289 -27.32 -37.36 0.37
C ALA B 289 -25.92 -37.65 0.90
N LEU B 290 -25.29 -38.71 0.42
CA LEU B 290 -23.97 -39.10 0.93
C LEU B 290 -22.92 -38.05 0.63
N VAL B 291 -22.89 -37.55 -0.61
CA VAL B 291 -21.94 -36.48 -0.95
C VAL B 291 -22.23 -35.25 -0.11
N HIS B 292 -23.49 -34.85 -0.04
CA HIS B 292 -23.89 -33.69 0.76
C HIS B 292 -23.47 -33.85 2.22
N ARG B 293 -23.68 -35.04 2.77
CA ARG B 293 -23.21 -35.34 4.11
C ARG B 293 -21.69 -35.15 4.20
N TRP B 294 -20.95 -35.82 3.32
CA TRP B 294 -19.50 -35.72 3.28
C TRP B 294 -19.04 -34.28 3.06
N MET B 295 -19.58 -33.62 2.04
CA MET B 295 -19.15 -32.29 1.63
C MET B 295 -19.34 -31.24 2.70
N ASN B 296 -20.10 -31.55 3.77
CA ASN B 296 -20.32 -30.61 4.85
C ASN B 296 -19.53 -30.93 6.12
N THR B 297 -18.86 -32.09 6.19
CA THR B 297 -17.98 -32.38 7.32
C THR B 297 -16.76 -31.44 7.28
N PRO B 298 -16.13 -31.17 8.43
CA PRO B 298 -15.20 -30.03 8.48
C PRO B 298 -13.99 -30.16 7.57
N HIS B 299 -13.33 -31.33 7.58
CA HIS B 299 -12.13 -31.50 6.77
C HIS B 299 -12.44 -31.42 5.27
N VAL B 300 -13.64 -31.80 4.86
CA VAL B 300 -14.00 -31.66 3.46
C VAL B 300 -14.30 -30.19 3.13
N ALA B 301 -15.16 -29.56 3.92
CA ALA B 301 -15.56 -28.18 3.60
C ALA B 301 -14.39 -27.22 3.72
N HIS B 302 -13.45 -27.51 4.62
CA HIS B 302 -12.27 -26.66 4.78
C HIS B 302 -11.48 -26.51 3.50
N HIS B 303 -11.57 -27.48 2.59
CA HIS B 303 -10.85 -27.40 1.32
C HIS B 303 -11.74 -27.19 0.11
N TRP B 304 -12.83 -27.95 -0.03
CA TRP B 304 -13.64 -27.80 -1.24
C TRP B 304 -14.45 -26.53 -1.23
N ASN B 305 -14.88 -26.06 -0.05
CA ASN B 305 -15.83 -24.94 0.10
C ASN B 305 -17.11 -25.21 -0.67
N GLN B 306 -17.61 -26.42 -0.50
CA GLN B 306 -18.87 -26.84 -1.09
C GLN B 306 -19.72 -27.55 -0.03
N ALA B 307 -19.76 -26.96 1.17
CA ALA B 307 -20.66 -27.41 2.24
C ALA B 307 -22.04 -26.78 2.03
N TRP B 308 -22.69 -27.23 0.96
CA TRP B 308 -23.95 -26.69 0.49
C TRP B 308 -25.12 -27.43 1.12
N PRO B 309 -26.33 -26.89 0.96
CA PRO B 309 -27.55 -27.66 1.29
C PRO B 309 -27.74 -28.82 0.33
N LEU B 310 -28.69 -29.69 0.67
CA LEU B 310 -28.87 -30.94 -0.09
C LEU B 310 -29.32 -30.70 -1.54
N GLU B 311 -30.19 -29.70 -1.78
CA GLU B 311 -30.71 -29.51 -3.13
C GLU B 311 -29.66 -28.99 -4.10
N ARG B 312 -28.72 -28.15 -3.65
CA ARG B 312 -27.68 -27.66 -4.56
C ARG B 312 -26.82 -28.83 -5.05
N TRP B 313 -26.56 -29.81 -4.16
CA TRP B 313 -25.79 -30.98 -4.54
C TRP B 313 -26.59 -31.90 -5.46
N ARG B 314 -27.91 -32.04 -5.23
CA ARG B 314 -28.72 -32.77 -6.20
C ARG B 314 -28.61 -32.09 -7.57
N GLU B 315 -28.82 -30.77 -7.60
CA GLU B 315 -28.73 -30.07 -8.87
C GLU B 315 -27.32 -30.13 -9.42
N GLU B 316 -26.31 -30.10 -8.55
CA GLU B 316 -24.92 -30.12 -9.01
C GLU B 316 -24.59 -31.41 -9.74
N LEU B 317 -24.80 -32.54 -9.07
CA LEU B 317 -24.39 -33.83 -9.61
C LEU B 317 -25.16 -34.17 -10.88
N ALA B 318 -26.45 -33.87 -10.91
CA ALA B 318 -27.22 -34.02 -12.14
C ALA B 318 -26.61 -33.20 -13.26
N HIS B 319 -26.20 -31.96 -12.97
CA HIS B 319 -25.61 -31.13 -14.00
C HIS B 319 -24.35 -31.77 -14.57
N GLN B 320 -23.45 -32.24 -13.70
CA GLN B 320 -22.24 -32.91 -14.16
C GLN B 320 -22.57 -34.11 -15.04
N LEU B 321 -23.40 -35.04 -14.53
CA LEU B 321 -23.63 -36.30 -15.24
C LEU B 321 -24.24 -36.06 -16.62
N GLY B 322 -24.96 -34.96 -16.80
CA GLY B 322 -25.52 -34.70 -18.11
C GLY B 322 -24.59 -34.10 -19.14
N GLY B 323 -23.35 -33.77 -18.77
CA GLY B 323 -22.45 -33.05 -19.64
C GLY B 323 -21.18 -33.82 -19.99
N GLU B 324 -20.32 -33.15 -20.75
CA GLU B 324 -19.08 -33.75 -21.21
C GLU B 324 -17.88 -33.35 -20.37
N HIS B 325 -18.09 -32.65 -19.25
CA HIS B 325 -16.97 -32.12 -18.47
C HIS B 325 -16.59 -33.08 -17.35
N SER B 326 -17.49 -33.30 -16.41
CA SER B 326 -17.12 -33.86 -15.14
C SER B 326 -17.97 -35.09 -14.90
N LEU B 327 -17.37 -36.08 -14.24
CA LEU B 327 -18.05 -37.34 -13.94
C LEU B 327 -17.96 -37.61 -12.45
N PRO B 328 -19.02 -37.39 -11.68
CA PRO B 328 -18.96 -37.65 -10.24
C PRO B 328 -19.10 -39.14 -9.91
N CYS B 329 -18.23 -39.64 -9.02
CA CYS B 329 -18.13 -41.08 -8.73
C CYS B 329 -18.01 -41.33 -7.24
N VAL B 330 -18.49 -42.49 -6.80
CA VAL B 330 -18.37 -42.94 -5.43
C VAL B 330 -17.37 -44.09 -5.36
N VAL B 331 -16.36 -43.95 -4.51
CA VAL B 331 -15.31 -44.95 -4.36
C VAL B 331 -15.52 -45.73 -3.08
N GLY B 332 -15.47 -47.04 -3.18
CA GLY B 332 -15.60 -47.92 -2.03
C GLY B 332 -14.30 -48.67 -1.85
N HIS B 333 -14.00 -48.97 -0.58
CA HIS B 333 -12.81 -49.71 -0.21
C HIS B 333 -13.24 -50.94 0.60
N GLU B 334 -13.10 -52.12 0.00
CA GLU B 334 -13.51 -53.37 0.64
C GLU B 334 -14.92 -53.32 1.19
N GLY B 335 -15.82 -52.74 0.41
CA GLY B 335 -17.21 -52.75 0.75
C GLY B 335 -17.68 -51.55 1.50
N ARG B 336 -16.78 -50.74 2.05
CA ARG B 336 -17.22 -49.50 2.67
C ARG B 336 -16.98 -48.35 1.70
N GLU B 337 -18.02 -47.56 1.49
CA GLU B 337 -17.91 -46.40 0.63
C GLU B 337 -17.16 -45.30 1.38
N VAL B 338 -16.06 -44.82 0.82
CA VAL B 338 -15.13 -44.00 1.60
C VAL B 338 -14.78 -42.68 0.93
N ALA B 339 -14.97 -42.49 -0.37
CA ALA B 339 -14.55 -41.24 -1.00
C ALA B 339 -15.46 -40.82 -2.13
N TYR B 340 -15.32 -39.56 -2.52
CA TYR B 340 -15.99 -38.99 -3.69
C TYR B 340 -14.92 -38.51 -4.67
N LEU B 341 -15.15 -38.74 -5.96
CA LEU B 341 -14.27 -38.28 -7.03
C LEU B 341 -15.01 -37.46 -8.06
N GLU B 342 -14.32 -36.45 -8.61
CA GLU B 342 -14.71 -35.84 -9.87
C GLU B 342 -13.60 -36.08 -10.86
N LEU B 343 -13.90 -36.82 -11.91
CA LEU B 343 -12.99 -37.06 -13.01
C LEU B 343 -13.43 -36.19 -14.17
N TYR B 344 -12.53 -35.39 -14.73
CA TYR B 344 -12.93 -34.34 -15.66
C TYR B 344 -12.00 -34.23 -16.85
N ARG B 345 -12.56 -33.77 -17.98
CA ARG B 345 -11.77 -33.50 -19.18
C ARG B 345 -11.13 -32.13 -19.08
N VAL B 346 -9.80 -32.09 -19.26
CA VAL B 346 -9.07 -30.84 -19.11
C VAL B 346 -9.46 -29.85 -20.21
N THR B 347 -9.61 -30.32 -21.45
CA THR B 347 -9.97 -29.44 -22.56
C THR B 347 -11.26 -28.66 -22.30
N ARG B 348 -12.08 -29.09 -21.32
CA ARG B 348 -13.29 -28.38 -20.92
C ARG B 348 -13.21 -27.74 -19.54
N ASP B 349 -12.07 -27.86 -18.84
CA ASP B 349 -11.94 -27.38 -17.48
C ASP B 349 -11.21 -26.05 -17.45
N LYS B 350 -11.27 -25.38 -16.30
CA LYS B 350 -10.47 -24.16 -16.10
C LYS B 350 -8.99 -24.41 -16.31
N LEU B 351 -8.51 -25.64 -16.13
CA LEU B 351 -7.08 -25.89 -16.27
C LEU B 351 -6.55 -25.66 -17.67
N ALA B 352 -7.40 -25.61 -18.69
CA ALA B 352 -6.95 -25.61 -20.09
C ALA B 352 -6.19 -24.34 -20.50
N GLY B 353 -6.32 -23.25 -19.77
CA GLY B 353 -5.50 -22.11 -20.09
C GLY B 353 -4.19 -22.05 -19.35
N CYS B 354 -3.85 -23.07 -18.56
CA CYS B 354 -2.76 -22.98 -17.59
C CYS B 354 -1.50 -23.76 -17.95
N TYR B 355 -1.58 -24.79 -18.78
CA TYR B 355 -0.41 -25.56 -19.18
C TYR B 355 -0.67 -26.11 -20.57
N PRO B 356 0.38 -26.49 -21.31
CA PRO B 356 0.16 -27.06 -22.65
C PRO B 356 -0.49 -28.44 -22.61
N TYR B 357 -1.82 -28.49 -22.50
CA TYR B 357 -2.56 -29.73 -22.35
C TYR B 357 -2.67 -30.51 -23.67
N GLY B 358 -2.74 -31.84 -23.56
CA GLY B 358 -3.20 -32.68 -24.65
C GLY B 358 -4.72 -32.85 -24.64
N PRO B 359 -5.32 -33.06 -25.82
CA PRO B 359 -6.79 -33.04 -25.89
C PRO B 359 -7.50 -34.07 -25.03
N HIS B 360 -6.90 -35.23 -24.75
CA HIS B 360 -7.58 -36.24 -23.95
C HIS B 360 -7.20 -36.21 -22.47
N ASP B 361 -6.42 -35.22 -22.03
CA ASP B 361 -5.99 -35.17 -20.65
C ASP B 361 -7.16 -35.21 -19.70
N LEU B 362 -6.99 -35.93 -18.60
CA LEU B 362 -7.99 -36.10 -17.57
C LEU B 362 -7.45 -35.62 -16.23
N GLY B 363 -8.34 -35.07 -15.39
CA GLY B 363 -7.98 -34.62 -14.07
C GLY B 363 -8.88 -35.22 -13.01
N VAL B 364 -8.47 -35.07 -11.75
CA VAL B 364 -9.25 -35.66 -10.66
C VAL B 364 -9.29 -34.70 -9.47
N HIS B 365 -10.48 -34.51 -8.91
CA HIS B 365 -10.70 -33.94 -7.60
C HIS B 365 -11.12 -35.07 -6.68
N ILE B 366 -10.72 -34.99 -5.43
CA ILE B 366 -10.99 -36.07 -4.47
C ILE B 366 -11.29 -35.50 -3.10
N ALA B 367 -12.24 -36.13 -2.41
CA ALA B 367 -12.50 -35.92 -0.99
C ALA B 367 -12.76 -37.26 -0.35
N ILE B 368 -12.01 -37.59 0.69
CA ILE B 368 -12.24 -38.79 1.50
C ILE B 368 -13.14 -38.43 2.67
N GLY B 369 -14.39 -38.87 2.63
CA GLY B 369 -15.35 -38.49 3.66
C GLY B 369 -15.23 -39.34 4.90
N GLU B 370 -14.96 -40.64 4.73
CA GLU B 370 -14.77 -41.56 5.84
C GLU B 370 -13.34 -41.57 6.37
N ARG B 371 -12.57 -40.49 6.21
CA ARG B 371 -11.27 -40.46 6.88
C ARG B 371 -11.47 -40.38 8.38
N GLU B 372 -12.59 -39.80 8.81
CA GLU B 372 -13.03 -39.91 10.19
C GLU B 372 -13.26 -41.36 10.61
N VAL B 373 -13.14 -42.33 9.71
CA VAL B 373 -12.95 -43.73 10.14
C VAL B 373 -11.82 -44.42 9.37
N LEU B 374 -11.45 -43.99 8.17
CA LEU B 374 -10.48 -44.70 7.33
C LEU B 374 -9.44 -43.76 6.76
N GLY B 375 -8.91 -42.85 7.60
CA GLY B 375 -7.90 -41.88 7.20
C GLY B 375 -6.45 -42.33 7.40
N ARG B 376 -6.18 -43.62 7.14
CA ARG B 376 -4.93 -44.27 7.57
C ARG B 376 -3.99 -44.70 6.44
N GLY B 377 -3.58 -43.77 5.57
CA GLY B 377 -2.67 -44.07 4.47
C GLY B 377 -3.33 -44.47 3.16
N PHE B 378 -4.67 -44.50 3.11
CA PHE B 378 -5.40 -44.99 1.94
C PHE B 378 -5.23 -44.07 0.74
N GLY B 379 -5.26 -42.75 0.98
CA GLY B 379 -5.54 -41.79 -0.09
C GLY B 379 -4.57 -41.84 -1.25
N SER B 380 -3.26 -41.88 -0.95
CA SER B 380 -2.30 -41.89 -2.03
C SER B 380 -2.44 -43.15 -2.85
N SER B 381 -2.68 -44.28 -2.18
CA SER B 381 -2.83 -45.56 -2.86
C SER B 381 -4.06 -45.57 -3.76
N LEU B 382 -5.17 -44.97 -3.32
CA LEU B 382 -6.33 -44.83 -4.20
C LEU B 382 -6.00 -43.97 -5.41
N LEU B 383 -5.33 -42.82 -5.16
CA LEU B 383 -4.95 -41.97 -6.27
C LEU B 383 -4.10 -42.72 -7.27
N ARG B 384 -3.19 -43.57 -6.78
CA ARG B 384 -2.33 -44.31 -7.69
C ARG B 384 -3.14 -45.25 -8.57
N ALA B 385 -4.11 -45.94 -7.98
CA ALA B 385 -4.96 -46.85 -8.73
C ALA B 385 -5.81 -46.10 -9.75
N VAL B 386 -6.42 -44.98 -9.35
CA VAL B 386 -7.28 -44.22 -10.24
C VAL B 386 -6.51 -43.73 -11.47
N ALA B 387 -5.29 -43.25 -11.27
CA ALA B 387 -4.54 -42.72 -12.40
C ALA B 387 -4.29 -43.81 -13.43
N GLY B 388 -3.74 -44.94 -12.98
CA GLY B 388 -3.45 -46.02 -13.92
C GLY B 388 -4.68 -46.57 -14.59
N ALA B 389 -5.80 -46.62 -13.84
CA ALA B 389 -7.05 -47.08 -14.41
C ALA B 389 -7.62 -46.11 -15.43
N LEU B 390 -7.43 -44.80 -15.22
CA LEU B 390 -7.83 -43.84 -16.24
C LEU B 390 -6.97 -43.98 -17.49
N LEU B 391 -5.65 -44.10 -17.33
CA LEU B 391 -4.77 -44.32 -18.47
C LEU B 391 -5.16 -45.59 -19.23
N ASP B 392 -5.69 -46.59 -18.53
CA ASP B 392 -6.21 -47.77 -19.21
C ASP B 392 -7.52 -47.45 -19.94
N ALA B 393 -8.40 -46.67 -19.32
CA ALA B 393 -9.70 -46.38 -19.91
C ALA B 393 -9.63 -45.55 -21.20
N ASP B 394 -8.60 -44.70 -21.38
CA ASP B 394 -8.50 -43.83 -22.54
C ASP B 394 -7.07 -43.92 -23.09
N PRO B 395 -6.82 -44.85 -24.00
CA PRO B 395 -5.45 -45.05 -24.47
C PRO B 395 -4.88 -43.88 -25.25
N ARG B 396 -5.71 -42.88 -25.59
CA ARG B 396 -5.28 -41.61 -26.19
C ARG B 396 -4.98 -40.52 -25.17
N CYS B 397 -5.26 -40.76 -23.90
CA CYS B 397 -4.94 -39.82 -22.84
C CYS B 397 -3.46 -39.87 -22.48
N ALA B 398 -2.83 -38.70 -22.38
CA ALA B 398 -1.40 -38.62 -22.09
C ALA B 398 -1.07 -38.45 -20.60
N ARG B 399 -2.01 -37.92 -19.82
CA ARG B 399 -1.75 -37.44 -18.49
C ARG B 399 -2.99 -37.59 -17.64
N VAL B 400 -2.79 -37.88 -16.37
CA VAL B 400 -3.77 -37.57 -15.35
C VAL B 400 -3.22 -36.44 -14.47
N VAL B 401 -4.05 -35.43 -14.21
CA VAL B 401 -3.60 -34.22 -13.53
C VAL B 401 -4.56 -33.89 -12.38
N ALA B 402 -4.09 -33.02 -11.49
CA ALA B 402 -4.92 -32.49 -10.42
C ALA B 402 -4.33 -31.15 -10.00
N GLU B 403 -5.16 -30.31 -9.41
CA GLU B 403 -4.78 -28.93 -9.12
C GLU B 403 -5.05 -28.56 -7.67
N PRO B 404 -4.48 -29.29 -6.70
CA PRO B 404 -4.69 -28.91 -5.30
C PRO B 404 -4.07 -27.56 -4.99
N ASN B 405 -4.71 -26.85 -4.07
CA ASN B 405 -4.19 -25.58 -3.58
C ASN B 405 -2.79 -25.76 -3.02
N VAL B 406 -1.85 -24.91 -3.46
CA VAL B 406 -0.47 -25.05 -3.00
C VAL B 406 -0.43 -25.08 -1.47
N HIS B 407 -1.39 -24.43 -0.82
CA HIS B 407 -1.42 -24.47 0.63
C HIS B 407 -1.86 -25.80 1.19
N ASN B 408 -2.52 -26.65 0.40
CA ASN B 408 -3.01 -27.95 0.86
C ASN B 408 -1.92 -29.02 0.74
N GLU B 409 -0.85 -28.82 1.51
CA GLU B 409 0.37 -29.60 1.35
C GLU B 409 0.15 -31.08 1.66
N ALA B 410 -0.86 -31.42 2.46
CA ALA B 410 -1.10 -32.84 2.70
C ALA B 410 -1.56 -33.53 1.43
N SER B 411 -2.47 -32.90 0.69
CA SER B 411 -2.96 -33.47 -0.56
C SER B 411 -1.84 -33.51 -1.58
N VAL B 412 -1.06 -32.44 -1.70
CA VAL B 412 0.07 -32.44 -2.61
C VAL B 412 0.96 -33.63 -2.33
N ARG B 413 1.33 -33.80 -1.06
CA ARG B 413 2.20 -34.90 -0.68
C ARG B 413 1.57 -36.24 -1.02
N ALA B 414 0.26 -36.37 -0.80
CA ALA B 414 -0.40 -37.63 -1.13
C ALA B 414 -0.33 -37.92 -2.62
N PHE B 415 -0.51 -36.88 -3.44
CA PHE B 415 -0.45 -37.05 -4.89
C PHE B 415 0.96 -37.44 -5.33
N ALA B 416 1.97 -36.82 -4.73
CA ALA B 416 3.33 -37.12 -5.15
C ALA B 416 3.75 -38.52 -4.70
N LYS B 417 3.29 -38.95 -3.53
CA LYS B 417 3.47 -40.33 -3.07
C LYS B 417 2.87 -41.32 -4.07
N ALA B 418 1.75 -40.96 -4.69
CA ALA B 418 1.08 -41.81 -5.67
C ALA B 418 1.69 -41.73 -7.07
N GLY B 419 2.75 -40.96 -7.26
CA GLY B 419 3.43 -40.87 -8.53
C GLY B 419 3.15 -39.64 -9.36
N PHE B 420 2.36 -38.70 -8.87
CA PHE B 420 2.27 -37.39 -9.52
C PHE B 420 3.54 -36.58 -9.25
N VAL B 421 3.86 -35.69 -10.18
CA VAL B 421 4.98 -34.78 -10.01
C VAL B 421 4.43 -33.39 -9.81
N ARG B 422 4.94 -32.68 -8.80
CA ARG B 422 4.57 -31.27 -8.64
C ARG B 422 5.33 -30.48 -9.71
N GLU B 423 4.65 -30.20 -10.83
CA GLU B 423 5.30 -29.58 -11.97
C GLU B 423 5.52 -28.09 -11.77
N ARG B 424 4.46 -27.34 -11.45
CA ARG B 424 4.63 -25.89 -11.33
C ARG B 424 3.45 -25.34 -10.54
N GLU B 425 3.60 -24.09 -10.10
CA GLU B 425 2.49 -23.35 -9.51
C GLU B 425 1.76 -22.66 -10.65
N ILE B 426 0.44 -22.69 -10.58
CA ILE B 426 -0.38 -22.02 -11.59
C ILE B 426 -1.37 -21.12 -10.87
N GLY B 427 -1.72 -20.02 -11.53
CA GLY B 427 -2.71 -19.12 -10.99
C GLY B 427 -4.11 -19.41 -11.50
N LEU B 428 -5.01 -19.73 -10.59
CA LEU B 428 -6.40 -20.00 -10.95
C LEU B 428 -7.28 -18.92 -10.33
N PRO B 429 -8.56 -18.81 -10.73
CA PRO B 429 -9.36 -17.65 -10.31
C PRO B 429 -9.46 -17.45 -8.82
N ALA B 430 -9.49 -18.51 -8.01
CA ALA B 430 -9.66 -18.38 -6.56
C ALA B 430 -8.43 -18.76 -5.75
N LYS B 431 -7.40 -19.34 -6.38
CA LYS B 431 -6.30 -19.95 -5.65
C LYS B 431 -5.11 -20.10 -6.59
N ASN B 432 -3.94 -20.31 -5.99
CA ASN B 432 -2.77 -20.85 -6.69
C ASN B 432 -2.72 -22.35 -6.43
N SER B 433 -2.37 -23.13 -7.45
CA SER B 433 -2.42 -24.58 -7.31
C SER B 433 -1.09 -25.22 -7.68
N ALA B 434 -0.83 -26.36 -7.02
CA ALA B 434 0.25 -27.23 -7.44
C ALA B 434 -0.25 -28.09 -8.59
N LEU B 435 0.32 -27.92 -9.76
CA LEU B 435 -0.09 -28.74 -10.88
C LEU B 435 0.57 -30.10 -10.72
N MET B 436 -0.16 -31.05 -10.16
CA MET B 436 0.31 -32.42 -10.01
C MET B 436 0.01 -33.18 -11.30
N VAL B 437 1.00 -33.87 -11.84
CA VAL B 437 0.87 -34.54 -13.13
C VAL B 437 1.32 -35.99 -13.03
N PHE B 438 0.42 -36.91 -13.36
CA PHE B 438 0.74 -38.32 -13.52
C PHE B 438 0.80 -38.61 -15.00
N SER B 439 2.00 -38.81 -15.52
CA SER B 439 2.22 -38.81 -16.95
C SER B 439 2.40 -40.23 -17.43
N ARG B 440 1.88 -40.52 -18.62
CA ARG B 440 2.13 -41.84 -19.18
C ARG B 440 3.57 -41.91 -19.67
N VAL B 441 4.15 -40.74 -20.02
CA VAL B 441 5.50 -40.54 -20.62
C VAL B 441 5.85 -41.63 -21.61
#